data_5U9Z
#
_entry.id   5U9Z
#
_cell.length_a   68.870
_cell.length_b   78.170
_cell.length_c   172.660
_cell.angle_alpha   90.000
_cell.angle_beta   90.000
_cell.angle_gamma   90.000
#
_symmetry.space_group_name_H-M   'P 21 21 21'
#
loop_
_entity.id
_entity.type
_entity.pdbx_description
1 polymer 'PHOSPHOGLYCEROL TRANSFERASE'
2 non-polymer 'MANGANESE (II) ION'
3 water water
#
_entity_poly.entity_id   1
_entity_poly.type   'polypeptide(L)'
_entity_poly.pdbx_seq_one_letter_code
;G(MSE)EKPTNYSQETIASIAQKYQKLAEDINKDRKNNIADQTVIYLLSESLSDPDRVSNVTVSHDVLPNIKAIKNSTTA
GL(MSE)QSDSYGGGTAN(MSE)EFQTLTSLPFYNFSSSVSVLYSEVFPK(MSE)AKPHTISEFYQGKNRIA(MSE)HPA
SANNFNRKTVYSNLGFSKFLALSGSKDKFKNIENVGLLTSDKTVYNNILSLINPSESQFFSVIT(MSE)QNHIPWSSDYP
EEIVAEGKNFTEEENHNLTSYARLLSFTDKETRAFLEKLTQINKPITVVFYGDHLPGLYPDSAFNKHIENKYLTDYFIWS
NGTNEKKNHPLINSSDFTAALFEHTDSKVSPYYALLTEVLNKASVDKSPDSPEVKAIQNDLKNIQYDVTIGKGYLLKHKT
FFKISR
;
_entity_poly.pdbx_strand_id   A,B
#
# COMPACT_ATOMS: atom_id res chain seq x y z
N GLY A 1 13.76 22.94 12.15
CA GLY A 1 12.53 23.14 11.41
C GLY A 1 12.72 24.04 10.21
N GLU A 3 15.59 27.51 8.86
CA GLU A 3 16.67 28.44 9.17
C GLU A 3 16.15 29.87 9.21
N LYS A 4 16.62 30.64 10.19
CA LYS A 4 16.25 32.04 10.29
C LYS A 4 17.00 32.84 9.21
N PRO A 5 16.30 33.64 8.40
CA PRO A 5 17.02 34.50 7.45
C PRO A 5 17.95 35.46 8.16
N THR A 6 19.04 35.80 7.49
CA THR A 6 20.04 36.69 8.08
C THR A 6 19.40 38.00 8.53
N ASN A 7 18.45 38.52 7.74
CA ASN A 7 17.88 39.83 7.98
C ASN A 7 16.51 39.77 8.65
N TYR A 8 16.22 38.68 9.35
CA TYR A 8 14.95 38.58 10.06
C TYR A 8 14.92 39.55 11.24
N SER A 9 13.88 40.36 11.32
CA SER A 9 13.73 41.34 12.39
C SER A 9 12.33 41.94 12.30
N GLN A 10 11.96 42.68 13.35
CA GLN A 10 10.66 43.30 13.40
C GLN A 10 10.49 44.33 12.28
N GLU A 11 11.57 45.03 11.94
CA GLU A 11 11.49 46.04 10.88
C GLU A 11 11.47 45.40 9.50
N THR A 12 12.28 44.37 9.28
CA THR A 12 12.25 43.66 8.00
C THR A 12 10.86 43.11 7.70
N ILE A 13 10.14 42.68 8.73
CA ILE A 13 8.76 42.24 8.54
C ILE A 13 7.85 43.43 8.25
N ALA A 14 8.12 44.57 8.88
CA ALA A 14 7.33 45.77 8.60
C ALA A 14 7.51 46.24 7.16
N SER A 15 8.77 46.30 6.70
CA SER A 15 9.03 46.68 5.32
C SER A 15 8.23 45.81 4.36
N ILE A 16 8.21 44.50 4.60
CA ILE A 16 7.48 43.59 3.72
C ILE A 16 5.98 43.84 3.80
N ALA A 17 5.47 44.02 5.02
CA ALA A 17 4.04 44.21 5.19
C ALA A 17 3.54 45.45 4.46
N GLN A 18 4.35 46.51 4.44
CA GLN A 18 3.94 47.73 3.75
C GLN A 18 4.04 47.58 2.25
N LYS A 19 5.17 47.04 1.77
CA LYS A 19 5.39 46.91 0.34
C LYS A 19 4.23 46.19 -0.33
N TYR A 20 3.83 45.04 0.22
CA TYR A 20 2.79 44.23 -0.41
C TYR A 20 1.39 44.69 -0.05
N GLN A 21 1.23 45.53 0.97
CA GLN A 21 -0.03 46.22 1.16
C GLN A 21 -0.32 47.15 -0.02
N LYS A 22 0.70 47.85 -0.51
CA LYS A 22 0.54 48.73 -1.66
C LYS A 22 0.37 47.91 -2.94
N LEU A 23 1.23 46.91 -3.14
CA LEU A 23 1.11 46.07 -4.33
C LEU A 23 -0.27 45.43 -4.39
N ALA A 24 -0.83 45.01 -3.25
CA ALA A 24 -2.17 44.47 -3.23
C ALA A 24 -3.18 45.49 -3.75
N GLU A 25 -3.05 46.75 -3.34
CA GLU A 25 -3.95 47.79 -3.80
C GLU A 25 -3.85 47.97 -5.31
N ASP A 26 -2.62 48.02 -5.83
CA ASP A 26 -2.43 48.15 -7.28
C ASP A 26 -3.07 46.99 -8.02
N ILE A 27 -2.75 45.76 -7.63
CA ILE A 27 -3.34 44.58 -8.27
C ILE A 27 -4.86 44.64 -8.18
N ASN A 28 -5.38 45.10 -7.03
CA ASN A 28 -6.82 45.12 -6.82
C ASN A 28 -7.53 46.15 -7.69
N LYS A 29 -6.82 47.16 -8.18
CA LYS A 29 -7.43 48.09 -9.14
C LYS A 29 -7.76 47.44 -10.46
N ASP A 30 -7.25 46.22 -10.72
CA ASP A 30 -7.53 45.51 -11.96
C ASP A 30 -8.23 44.17 -11.74
N ARG A 31 -8.21 43.63 -10.53
CA ARG A 31 -8.98 42.45 -10.21
C ARG A 31 -10.43 42.84 -9.93
N LYS A 32 -11.37 42.08 -10.49
CA LYS A 32 -12.79 42.41 -10.41
C LYS A 32 -13.52 41.67 -9.29
N ASN A 33 -13.30 40.36 -9.16
CA ASN A 33 -14.14 39.52 -8.33
C ASN A 33 -13.62 39.42 -6.90
N ASN A 34 -14.40 38.77 -6.06
CA ASN A 34 -14.04 38.44 -4.68
C ASN A 34 -14.02 36.92 -4.54
N ILE A 35 -12.99 36.40 -3.87
CA ILE A 35 -12.86 34.95 -3.76
C ILE A 35 -14.03 34.36 -2.98
N ALA A 36 -14.55 35.09 -1.99
CA ALA A 36 -15.66 34.60 -1.18
C ALA A 36 -16.94 34.37 -1.99
N ASP A 37 -16.99 34.84 -3.24
CA ASP A 37 -18.16 34.62 -4.09
C ASP A 37 -18.10 33.32 -4.87
N GLN A 38 -16.92 32.70 -5.00
CA GLN A 38 -16.76 31.41 -5.65
C GLN A 38 -16.74 30.28 -4.62
N THR A 39 -17.28 29.14 -5.03
CA THR A 39 -17.07 27.89 -4.30
C THR A 39 -15.82 27.23 -4.88
N VAL A 40 -14.85 26.93 -4.02
CA VAL A 40 -13.54 26.44 -4.44
C VAL A 40 -13.37 25.01 -3.94
N ILE A 41 -12.87 24.14 -4.81
CA ILE A 41 -12.65 22.73 -4.50
C ILE A 41 -11.17 22.45 -4.75
N TYR A 42 -10.42 22.22 -3.68
CA TYR A 42 -9.04 21.72 -3.79
C TYR A 42 -9.10 20.20 -3.85
N LEU A 43 -8.70 19.64 -5.00
CA LEU A 43 -8.90 18.23 -5.29
C LEU A 43 -7.55 17.57 -5.53
N LEU A 44 -7.05 16.87 -4.51
CA LEU A 44 -5.79 16.13 -4.60
C LEU A 44 -6.10 14.75 -5.17
N SER A 45 -5.70 14.53 -6.42
CA SER A 45 -5.90 13.23 -7.07
C SER A 45 -4.68 12.36 -6.80
N GLU A 46 -4.82 11.43 -5.87
CA GLU A 46 -3.71 10.63 -5.39
C GLU A 46 -2.97 9.95 -6.53
N SER A 47 -1.67 10.19 -6.61
CA SER A 47 -0.75 9.50 -7.51
C SER A 47 -1.07 9.70 -8.99
N LEU A 48 -1.79 10.77 -9.36
CA LEU A 48 -2.19 10.99 -10.74
C LEU A 48 -1.07 11.72 -11.49
N SER A 49 -0.58 11.11 -12.57
CA SER A 49 0.47 11.72 -13.38
C SER A 49 0.53 10.98 -14.72
N ASP A 50 0.48 11.73 -15.81
CA ASP A 50 0.39 11.13 -17.14
C ASP A 50 1.63 10.29 -17.44
N PRO A 51 1.52 8.97 -17.60
CA PRO A 51 2.71 8.17 -17.92
C PRO A 51 3.32 8.48 -19.28
N ASP A 52 2.66 9.29 -20.11
CA ASP A 52 3.25 9.67 -21.38
C ASP A 52 4.60 10.38 -21.20
N ARG A 53 4.79 11.05 -20.06
CA ARG A 53 6.04 11.74 -19.78
C ARG A 53 7.15 10.81 -19.32
N VAL A 54 6.85 9.54 -19.08
CA VAL A 54 7.87 8.56 -18.71
C VAL A 54 8.43 7.97 -19.99
N SER A 55 9.69 8.29 -20.29
CA SER A 55 10.24 8.06 -21.63
C SER A 55 10.12 6.58 -22.03
N ASN A 56 10.58 5.67 -21.17
CA ASN A 56 10.70 4.26 -21.54
C ASN A 56 9.42 3.45 -21.30
N VAL A 57 8.27 4.10 -21.24
CA VAL A 57 6.99 3.45 -21.00
C VAL A 57 6.12 3.54 -22.25
N THR A 58 5.38 2.46 -22.53
CA THR A 58 4.41 2.44 -23.61
C THR A 58 3.09 1.93 -23.07
N VAL A 59 2.02 2.67 -23.34
CA VAL A 59 0.66 2.27 -22.99
C VAL A 59 -0.12 2.07 -24.27
N SER A 60 -0.94 1.01 -24.32
CA SER A 60 -1.65 0.68 -25.54
C SER A 60 -2.71 1.73 -25.88
N HIS A 61 -3.29 2.37 -24.88
CA HIS A 61 -4.30 3.40 -25.09
C HIS A 61 -3.87 4.68 -24.36
N ASP A 62 -4.48 5.79 -24.77
CA ASP A 62 -4.35 7.04 -24.02
C ASP A 62 -5.28 6.96 -22.82
N VAL A 63 -4.71 7.05 -21.62
CA VAL A 63 -5.49 6.85 -20.39
C VAL A 63 -5.89 8.17 -19.74
N LEU A 64 -5.44 9.31 -20.26
CA LEU A 64 -5.86 10.62 -19.75
C LEU A 64 -6.33 11.53 -20.89
N PRO A 65 -7.20 11.03 -21.77
CA PRO A 65 -7.69 11.89 -22.86
C PRO A 65 -8.52 13.07 -22.35
N ASN A 66 -9.52 12.78 -21.52
CA ASN A 66 -10.42 13.83 -21.04
C ASN A 66 -9.66 14.89 -20.24
N ILE A 67 -8.80 14.45 -19.32
CA ILE A 67 -8.07 15.39 -18.47
C ILE A 67 -7.15 16.27 -19.31
N LYS A 68 -6.50 15.69 -20.32
CA LYS A 68 -5.65 16.48 -21.20
C LYS A 68 -6.48 17.50 -21.97
N ALA A 69 -7.68 17.12 -22.40
CA ALA A 69 -8.58 18.07 -23.04
C ALA A 69 -8.95 19.21 -22.08
N ILE A 70 -9.23 18.86 -20.82
CA ILE A 70 -9.53 19.89 -19.83
C ILE A 70 -8.34 20.84 -19.66
N LYS A 71 -7.12 20.29 -19.65
CA LYS A 71 -5.94 21.13 -19.49
C LYS A 71 -5.79 22.12 -20.64
N ASN A 72 -6.19 21.73 -21.85
CA ASN A 72 -6.08 22.63 -22.99
C ASN A 72 -7.06 23.79 -22.92
N SER A 73 -8.16 23.64 -22.19
CA SER A 73 -9.22 24.64 -22.17
C SER A 73 -9.06 25.70 -21.09
N THR A 74 -8.17 25.48 -20.12
CA THR A 74 -8.06 26.40 -18.99
C THR A 74 -6.63 26.42 -18.49
N THR A 75 -6.38 27.28 -17.50
CA THR A 75 -5.09 27.31 -16.81
C THR A 75 -4.69 25.90 -16.38
N ALA A 76 -3.53 25.46 -16.85
CA ALA A 76 -3.07 24.09 -16.58
C ALA A 76 -1.59 23.99 -16.93
N GLY A 77 -0.98 22.91 -16.48
CA GLY A 77 0.44 22.67 -16.75
C GLY A 77 0.98 21.54 -15.90
N LEU A 78 2.24 21.68 -15.52
CA LEU A 78 2.94 20.70 -14.69
C LEU A 78 3.17 21.26 -13.30
N GLN A 80 5.50 20.75 -9.89
CA GLN A 80 6.69 20.14 -9.32
C GLN A 80 6.36 19.60 -7.95
N SER A 81 6.58 18.30 -7.75
CA SER A 81 6.33 17.64 -6.48
C SER A 81 7.64 17.49 -5.72
N ASP A 82 7.52 17.43 -4.39
CA ASP A 82 8.69 17.36 -3.53
C ASP A 82 9.12 15.94 -3.21
N SER A 83 8.35 14.94 -3.59
CA SER A 83 8.67 13.55 -3.27
C SER A 83 8.17 12.65 -4.39
N TYR A 84 8.47 11.36 -4.26
CA TYR A 84 8.14 10.37 -5.28
C TYR A 84 7.46 9.18 -4.62
N GLY A 85 6.26 8.84 -5.10
CA GLY A 85 5.51 7.72 -4.58
C GLY A 85 4.93 7.94 -3.20
N GLY A 86 5.06 9.14 -2.64
CA GLY A 86 4.55 9.39 -1.31
C GLY A 86 4.69 10.86 -0.97
N GLY A 87 4.31 11.19 0.26
CA GLY A 87 4.34 12.57 0.72
C GLY A 87 3.06 13.34 0.53
N THR A 88 1.94 12.64 0.32
CA THR A 88 0.64 13.26 0.06
C THR A 88 0.40 14.52 0.89
N ALA A 89 0.43 14.38 2.22
CA ALA A 89 -0.02 15.46 3.09
C ALA A 89 0.88 16.68 3.01
N ASN A 90 2.12 16.54 2.53
CA ASN A 90 3.01 17.68 2.42
C ASN A 90 2.61 18.60 1.27
N GLU A 92 -0.46 18.70 0.15
CA GLU A 92 -1.71 19.22 0.70
C GLU A 92 -1.47 20.44 1.57
N PHE A 93 -0.52 20.35 2.50
CA PHE A 93 -0.18 21.48 3.36
C PHE A 93 0.21 22.70 2.54
N GLN A 94 0.99 22.50 1.48
CA GLN A 94 1.48 23.63 0.69
C GLN A 94 0.37 24.33 -0.07
N THR A 95 -0.68 23.59 -0.46
CA THR A 95 -1.77 24.23 -1.19
C THR A 95 -2.58 25.14 -0.27
N LEU A 96 -2.82 24.71 0.98
CA LEU A 96 -3.65 25.48 1.89
C LEU A 96 -2.91 26.71 2.42
N THR A 97 -1.66 26.54 2.84
CA THR A 97 -0.90 27.63 3.44
C THR A 97 -0.08 28.42 2.43
N SER A 98 0.23 27.82 1.28
CA SER A 98 1.09 28.43 0.26
C SER A 98 2.52 28.67 0.75
N LEU A 99 2.92 27.99 1.84
CA LEU A 99 4.30 28.05 2.29
C LEU A 99 5.07 26.90 1.65
N PRO A 100 6.12 27.17 0.87
CA PRO A 100 6.77 26.09 0.11
C PRO A 100 7.61 25.18 1.00
N PHE A 101 7.57 23.88 0.68
CA PHE A 101 8.38 22.91 1.40
C PHE A 101 9.87 23.16 1.19
N TYR A 102 10.26 23.67 0.02
CA TYR A 102 11.68 23.83 -0.29
C TYR A 102 12.35 24.92 0.53
N ASN A 103 11.60 25.69 1.31
CA ASN A 103 12.19 26.66 2.22
C ASN A 103 12.34 26.13 3.65
N PHE A 104 11.70 25.01 3.97
CA PHE A 104 11.87 24.39 5.27
C PHE A 104 13.16 23.56 5.30
N SER A 105 13.51 23.10 6.50
CA SER A 105 14.67 22.24 6.66
C SER A 105 14.39 20.85 6.09
N SER A 106 15.43 20.23 5.55
CA SER A 106 15.28 18.89 4.99
C SER A 106 14.94 17.85 6.06
N SER A 107 15.27 18.13 7.31
CA SER A 107 14.96 17.22 8.41
C SER A 107 13.47 17.08 8.68
N VAL A 108 12.64 17.93 8.08
CA VAL A 108 11.19 17.84 8.28
C VAL A 108 10.63 16.75 7.37
N SER A 109 9.86 15.83 7.96
CA SER A 109 9.26 14.72 7.22
C SER A 109 7.80 15.00 6.86
N VAL A 110 6.96 15.26 7.86
CA VAL A 110 5.54 15.54 7.65
C VAL A 110 5.23 16.91 8.24
N LEU A 111 4.81 17.84 7.38
CA LEU A 111 4.58 19.20 7.82
C LEU A 111 3.38 19.30 8.76
N TYR A 112 2.34 18.48 8.51
CA TYR A 112 1.18 18.47 9.39
C TYR A 112 1.53 18.04 10.82
N SER A 113 2.64 17.35 11.02
CA SER A 113 3.02 16.86 12.35
C SER A 113 4.13 17.68 13.00
N GLU A 114 4.96 18.37 12.22
CA GLU A 114 6.14 19.03 12.76
C GLU A 114 6.12 20.54 12.63
N VAL A 115 5.29 21.11 11.76
CA VAL A 115 5.22 22.55 11.54
C VAL A 115 3.86 23.10 11.92
N PHE A 116 2.79 22.52 11.36
CA PHE A 116 1.45 23.06 11.58
C PHE A 116 1.11 23.21 13.06
N PRO A 117 1.35 22.21 13.93
CA PRO A 117 1.02 22.42 15.35
C PRO A 117 1.79 23.57 15.98
N LYS A 118 2.97 23.91 15.45
CA LYS A 118 3.77 25.01 15.98
C LYS A 118 3.38 26.35 15.38
N ALA A 120 1.19 29.60 15.13
CA ALA A 120 0.23 30.43 15.84
C ALA A 120 -0.72 31.04 14.81
N LYS A 121 -2.00 30.66 14.89
CA LYS A 121 -3.03 31.14 13.99
C LYS A 121 -2.61 30.94 12.54
N PRO A 122 -2.69 29.72 12.02
CA PRO A 122 -2.32 29.48 10.61
C PRO A 122 -3.34 30.10 9.66
N HIS A 123 -2.83 30.77 8.63
CA HIS A 123 -3.66 31.39 7.61
C HIS A 123 -3.78 30.49 6.39
N THR A 124 -4.99 30.36 5.87
CA THR A 124 -5.30 29.41 4.81
C THR A 124 -6.33 30.00 3.87
N ILE A 125 -6.45 29.39 2.69
CA ILE A 125 -7.49 29.79 1.75
C ILE A 125 -8.87 29.58 2.35
N SER A 126 -9.00 28.66 3.30
CA SER A 126 -10.31 28.33 3.87
C SER A 126 -10.81 29.40 4.81
N GLU A 127 -9.95 30.29 5.30
CA GLU A 127 -10.37 31.29 6.28
C GLU A 127 -11.30 32.34 5.67
N PHE A 128 -11.34 32.45 4.34
CA PHE A 128 -12.26 33.36 3.67
C PHE A 128 -13.65 32.79 3.52
N TYR A 129 -13.91 31.62 4.10
CA TYR A 129 -15.21 30.98 4.06
C TYR A 129 -15.67 30.68 5.48
N GLN A 130 -16.99 30.63 5.66
CA GLN A 130 -17.54 30.40 6.99
C GLN A 130 -17.38 28.93 7.40
N GLY A 131 -17.05 28.72 8.67
CA GLY A 131 -16.82 27.39 9.20
C GLY A 131 -17.84 26.36 8.76
N LYS A 132 -19.12 26.73 8.80
CA LYS A 132 -20.17 25.82 8.37
C LYS A 132 -20.08 25.47 6.89
N ASN A 133 -19.25 26.20 6.12
CA ASN A 133 -19.10 25.95 4.69
C ASN A 133 -17.70 25.42 4.35
N ARG A 134 -16.91 25.03 5.34
CA ARG A 134 -15.60 24.43 5.11
C ARG A 134 -15.73 22.92 5.26
N ILE A 135 -15.37 22.18 4.20
CA ILE A 135 -15.58 20.75 4.14
C ILE A 135 -14.30 20.06 3.71
N ALA A 136 -13.96 18.97 4.39
CA ALA A 136 -12.81 18.14 4.05
C ALA A 136 -13.28 16.71 3.78
N HIS A 138 -11.73 12.54 2.69
CA HIS A 138 -10.64 11.60 2.50
C HIS A 138 -11.10 10.18 2.81
N PRO A 139 -11.21 9.30 1.80
CA PRO A 139 -11.65 7.93 2.08
C PRO A 139 -10.63 7.08 2.83
N ALA A 140 -10.31 7.48 4.05
CA ALA A 140 -9.42 6.70 4.92
C ALA A 140 -9.63 7.19 6.35
N SER A 141 -8.66 6.93 7.22
CA SER A 141 -8.75 7.40 8.59
C SER A 141 -8.52 8.90 8.66
N ALA A 142 -9.44 9.61 9.31
CA ALA A 142 -9.30 11.06 9.46
C ALA A 142 -8.03 11.43 10.22
N ASN A 143 -7.45 10.50 10.98
CA ASN A 143 -6.26 10.79 11.76
C ASN A 143 -4.96 10.51 11.02
N ASN A 144 -5.02 9.93 9.82
CA ASN A 144 -3.82 9.72 9.03
C ASN A 144 -3.12 11.06 8.81
N PHE A 145 -1.82 11.10 9.10
CA PHE A 145 -0.99 12.29 8.91
C PHE A 145 -1.56 13.50 9.66
N ASN A 146 -2.28 13.26 10.75
CA ASN A 146 -2.73 14.31 11.65
C ASN A 146 -3.76 15.22 11.00
N ARG A 147 -4.52 14.71 10.02
CA ARG A 147 -5.45 15.55 9.29
C ARG A 147 -6.60 16.02 10.18
N LYS A 148 -7.16 15.13 10.99
CA LYS A 148 -8.29 15.50 11.85
C LYS A 148 -7.94 16.70 12.71
N THR A 149 -6.74 16.70 13.29
CA THR A 149 -6.30 17.82 14.11
C THR A 149 -6.14 19.08 13.26
N VAL A 150 -5.70 18.93 12.01
CA VAL A 150 -5.47 20.09 11.15
C VAL A 150 -6.78 20.79 10.84
N TYR A 151 -7.78 20.03 10.37
CA TYR A 151 -9.03 20.62 9.94
C TYR A 151 -9.94 20.99 11.10
N SER A 152 -9.70 20.44 12.30
CA SER A 152 -10.39 20.94 13.49
C SER A 152 -9.88 22.33 13.86
N ASN A 153 -8.56 22.50 13.86
CA ASN A 153 -7.97 23.80 14.15
C ASN A 153 -8.31 24.85 13.09
N LEU A 154 -8.70 24.42 11.90
CA LEU A 154 -9.10 25.33 10.83
C LEU A 154 -10.60 25.58 10.80
N GLY A 155 -11.35 25.02 11.75
CA GLY A 155 -12.77 25.30 11.86
C GLY A 155 -13.63 24.65 10.80
N PHE A 156 -13.28 23.46 10.35
CA PHE A 156 -14.08 22.77 9.34
C PHE A 156 -15.28 22.09 9.99
N SER A 157 -16.47 22.32 9.42
CA SER A 157 -17.69 21.77 9.99
C SER A 157 -17.88 20.29 9.67
N LYS A 158 -17.19 19.78 8.65
CA LYS A 158 -17.31 18.38 8.28
C LYS A 158 -15.96 17.86 7.83
N PHE A 159 -15.71 16.59 8.10
CA PHE A 159 -14.53 15.87 7.60
C PHE A 159 -15.00 14.44 7.31
N LEU A 160 -15.54 14.25 6.11
CA LEU A 160 -15.93 12.91 5.69
C LEU A 160 -14.72 12.00 5.64
N ALA A 161 -14.84 10.82 6.25
CA ALA A 161 -13.74 9.87 6.32
C ALA A 161 -14.32 8.48 6.55
N LEU A 162 -13.56 7.46 6.13
CA LEU A 162 -14.01 6.09 6.38
C LEU A 162 -14.01 5.74 7.86
N SER A 163 -13.25 6.48 8.67
CA SER A 163 -13.23 6.25 10.11
C SER A 163 -12.53 7.45 10.75
N GLY A 164 -12.82 7.65 12.04
CA GLY A 164 -12.19 8.70 12.80
C GLY A 164 -12.95 10.01 12.85
N SER A 165 -14.18 10.05 12.34
CA SER A 165 -14.99 11.26 12.40
C SER A 165 -16.46 10.89 12.34
N LYS A 166 -17.29 11.84 12.78
CA LYS A 166 -18.75 11.65 12.73
C LYS A 166 -19.28 11.60 11.30
N ASP A 167 -18.56 12.17 10.33
CA ASP A 167 -19.03 12.26 8.96
C ASP A 167 -18.59 11.05 8.16
N LYS A 168 -19.49 10.56 7.31
CA LYS A 168 -19.23 9.37 6.51
C LYS A 168 -19.61 9.64 5.06
N PHE A 169 -19.01 8.87 4.16
CA PHE A 169 -19.40 8.91 2.77
C PHE A 169 -20.68 8.11 2.54
N LYS A 170 -21.36 8.41 1.46
CA LYS A 170 -22.61 7.75 1.09
C LYS A 170 -22.42 6.96 -0.19
N ASN A 171 -23.07 5.80 -0.27
CA ASN A 171 -23.02 4.96 -1.46
C ASN A 171 -21.58 4.62 -1.83
N ILE A 172 -20.83 4.13 -0.84
CA ILE A 172 -19.42 3.84 -1.04
C ILE A 172 -19.28 2.70 -2.04
N GLU A 173 -18.45 2.91 -3.06
CA GLU A 173 -18.14 1.90 -4.06
C GLU A 173 -16.64 1.87 -4.30
N ASN A 174 -16.14 0.69 -4.68
CA ASN A 174 -14.72 0.48 -4.92
C ASN A 174 -14.45 0.32 -6.40
N VAL A 175 -13.45 1.05 -6.90
CA VAL A 175 -12.86 0.80 -8.20
C VAL A 175 -11.40 0.49 -7.92
N GLY A 176 -11.02 -0.77 -8.15
CA GLY A 176 -9.77 -1.28 -7.65
C GLY A 176 -9.97 -1.84 -6.27
N LEU A 177 -8.95 -1.72 -5.41
CA LEU A 177 -9.05 -2.22 -4.04
C LEU A 177 -9.63 -1.18 -3.08
N LEU A 178 -9.61 0.10 -3.45
CA LEU A 178 -9.95 1.20 -2.55
C LEU A 178 -11.15 1.97 -3.09
N THR A 179 -11.56 2.99 -2.33
CA THR A 179 -12.74 3.76 -2.68
C THR A 179 -12.55 4.47 -4.00
N SER A 180 -13.56 4.39 -4.86
CA SER A 180 -13.46 4.96 -6.20
C SER A 180 -13.51 6.49 -6.14
N ASP A 181 -12.94 7.12 -7.18
CA ASP A 181 -13.05 8.56 -7.32
C ASP A 181 -14.49 8.96 -7.61
N LYS A 182 -15.23 8.10 -8.31
CA LYS A 182 -16.66 8.32 -8.50
C LYS A 182 -17.38 8.55 -7.17
N THR A 183 -17.09 7.70 -6.18
CA THR A 183 -17.69 7.89 -4.86
C THR A 183 -17.37 9.26 -4.29
N VAL A 184 -16.12 9.70 -4.44
CA VAL A 184 -15.72 11.00 -3.90
C VAL A 184 -16.42 12.12 -4.64
N TYR A 185 -16.41 12.07 -5.97
CA TYR A 185 -17.02 13.14 -6.76
C TYR A 185 -18.50 13.30 -6.40
N ASN A 186 -19.25 12.19 -6.37
CA ASN A 186 -20.68 12.29 -6.10
C ASN A 186 -20.94 12.79 -4.68
N ASN A 187 -20.06 12.47 -3.73
CA ASN A 187 -20.21 13.00 -2.38
C ASN A 187 -19.93 14.50 -2.33
N ILE A 188 -19.08 15.00 -3.22
CA ILE A 188 -18.92 16.45 -3.34
C ILE A 188 -20.20 17.07 -3.86
N LEU A 189 -20.73 16.54 -4.96
CA LEU A 189 -22.01 17.04 -5.48
C LEU A 189 -23.09 17.00 -4.43
N SER A 190 -23.12 15.93 -3.62
CA SER A 190 -24.15 15.78 -2.60
C SER A 190 -24.16 16.95 -1.62
N LEU A 191 -23.03 17.65 -1.47
CA LEU A 191 -22.90 18.67 -0.44
C LEU A 191 -22.76 20.08 -0.99
N ILE A 192 -22.66 20.26 -2.31
CA ILE A 192 -22.58 21.60 -2.87
C ILE A 192 -23.92 22.30 -2.65
N ASN A 193 -23.90 23.36 -1.84
CA ASN A 193 -25.08 24.15 -1.53
C ASN A 193 -25.03 25.43 -2.34
N PRO A 194 -25.80 25.57 -3.42
CA PRO A 194 -25.70 26.79 -4.24
C PRO A 194 -25.95 28.07 -3.45
N SER A 195 -26.72 27.99 -2.35
CA SER A 195 -27.00 29.19 -1.56
C SER A 195 -25.79 29.65 -0.77
N GLU A 196 -24.79 28.80 -0.58
CA GLU A 196 -23.59 29.13 0.18
C GLU A 196 -22.36 29.04 -0.71
N SER A 197 -21.35 29.85 -0.38
CA SER A 197 -20.03 29.73 -0.98
C SER A 197 -19.18 28.81 -0.11
N GLN A 198 -18.75 27.69 -0.67
CA GLN A 198 -18.11 26.63 0.09
C GLN A 198 -16.67 26.43 -0.34
N PHE A 199 -15.87 25.84 0.56
CA PHE A 199 -14.51 25.42 0.27
C PHE A 199 -14.38 23.94 0.58
N PHE A 200 -13.90 23.17 -0.38
CA PHE A 200 -13.70 21.74 -0.23
C PHE A 200 -12.21 21.41 -0.31
N SER A 201 -11.72 20.66 0.67
CA SER A 201 -10.37 20.09 0.65
C SER A 201 -10.54 18.58 0.51
N VAL A 202 -10.16 18.06 -0.66
CA VAL A 202 -10.42 16.67 -1.04
C VAL A 202 -9.10 15.96 -1.25
N ILE A 203 -9.02 14.73 -0.71
CA ILE A 203 -7.87 13.86 -0.91
C ILE A 203 -8.41 12.48 -1.29
N THR A 204 -8.25 12.11 -2.56
CA THR A 204 -8.78 10.86 -3.06
C THR A 204 -7.94 9.68 -2.56
N GLN A 206 -8.45 6.30 -4.60
CA GLN A 206 -8.61 5.22 -5.57
C GLN A 206 -7.27 4.73 -6.09
N ASN A 207 -6.38 5.64 -6.46
CA ASN A 207 -5.14 5.29 -7.14
C ASN A 207 -3.96 5.22 -6.19
N HIS A 208 -4.22 5.02 -4.91
CA HIS A 208 -3.16 4.79 -3.94
C HIS A 208 -2.67 3.35 -4.06
N ILE A 209 -1.35 3.18 -3.97
CA ILE A 209 -0.76 1.84 -3.95
C ILE A 209 -1.43 1.04 -2.84
N PRO A 210 -1.68 -0.27 -3.00
CA PRO A 210 -1.45 -1.15 -4.15
C PRO A 210 -2.51 -1.06 -5.22
N TRP A 211 -2.12 -1.25 -6.48
CA TRP A 211 -3.00 -1.10 -7.63
C TRP A 211 -3.40 -2.47 -8.14
N SER A 212 -4.72 -2.70 -8.25
CA SER A 212 -5.26 -3.97 -8.74
C SER A 212 -6.48 -3.68 -9.58
N SER A 213 -6.41 -4.02 -10.86
CA SER A 213 -7.55 -3.83 -11.77
C SER A 213 -7.33 -4.70 -13.01
N ASP A 214 -8.32 -5.53 -13.33
CA ASP A 214 -8.27 -6.37 -14.52
C ASP A 214 -8.97 -5.75 -15.72
N TYR A 215 -9.71 -4.66 -15.54
CA TYR A 215 -10.44 -4.00 -16.61
C TYR A 215 -10.15 -2.51 -16.60
N PRO A 216 -10.25 -1.83 -17.76
CA PRO A 216 -10.42 -2.33 -19.12
C PRO A 216 -9.28 -3.25 -19.58
N GLU A 217 -9.63 -4.44 -20.07
CA GLU A 217 -8.62 -5.43 -20.41
C GLU A 217 -7.79 -5.00 -21.61
N GLU A 218 -8.37 -4.20 -22.51
CA GLU A 218 -7.64 -3.76 -23.69
C GLU A 218 -6.47 -2.86 -23.33
N ILE A 219 -6.51 -2.19 -22.19
CA ILE A 219 -5.41 -1.33 -21.76
C ILE A 219 -4.32 -2.23 -21.18
N VAL A 220 -3.19 -2.29 -21.86
CA VAL A 220 -2.00 -2.99 -21.38
C VAL A 220 -0.84 -2.01 -21.48
N ALA A 221 0.15 -2.18 -20.59
CA ALA A 221 1.27 -1.27 -20.54
C ALA A 221 2.54 -2.04 -20.21
N GLU A 222 3.67 -1.47 -20.60
CA GLU A 222 4.97 -2.10 -20.37
C GLU A 222 6.04 -1.03 -20.34
N GLY A 223 7.18 -1.39 -19.75
CA GLY A 223 8.33 -0.51 -19.74
C GLY A 223 9.59 -1.27 -20.13
N LYS A 224 10.56 -0.51 -20.62
CA LYS A 224 11.82 -1.11 -21.07
C LYS A 224 12.53 -1.76 -19.89
N ASN A 225 12.74 -3.08 -20.00
CA ASN A 225 13.48 -3.84 -19.00
C ASN A 225 12.76 -3.88 -17.66
N PHE A 226 11.43 -3.78 -17.67
CA PHE A 226 10.66 -3.92 -16.44
C PHE A 226 10.52 -5.39 -16.08
N THR A 227 10.34 -5.65 -14.79
CA THR A 227 9.97 -6.98 -14.34
C THR A 227 8.48 -7.20 -14.62
N GLU A 228 8.05 -8.46 -14.53
CA GLU A 228 6.63 -8.76 -14.69
C GLU A 228 5.81 -7.99 -13.66
N GLU A 229 6.32 -7.87 -12.43
CA GLU A 229 5.61 -7.15 -11.39
C GLU A 229 5.47 -5.67 -11.72
N GLU A 230 6.57 -5.05 -12.17
CA GLU A 230 6.52 -3.64 -12.56
C GLU A 230 5.54 -3.43 -13.70
N ASN A 231 5.60 -4.28 -14.73
CA ASN A 231 4.68 -4.14 -15.86
C ASN A 231 3.23 -4.32 -15.41
N HIS A 232 2.97 -5.24 -14.48
CA HIS A 232 1.61 -5.49 -14.04
C HIS A 232 1.10 -4.35 -13.15
N ASN A 233 1.96 -3.82 -12.29
CA ASN A 233 1.57 -2.64 -11.51
C ASN A 233 1.28 -1.46 -12.43
N LEU A 234 2.13 -1.24 -13.43
CA LEU A 234 1.91 -0.16 -14.39
C LEU A 234 0.59 -0.37 -15.13
N THR A 235 0.31 -1.60 -15.56
CA THR A 235 -0.94 -1.88 -16.26
C THR A 235 -2.13 -1.62 -15.36
N SER A 236 -2.10 -2.12 -14.12
CA SER A 236 -3.21 -1.88 -13.21
C SER A 236 -3.40 -0.38 -12.97
N TYR A 237 -2.29 0.34 -12.74
CA TYR A 237 -2.36 1.78 -12.52
C TYR A 237 -2.95 2.49 -13.73
N ALA A 238 -2.46 2.16 -14.93
CA ALA A 238 -3.00 2.79 -16.13
C ALA A 238 -4.50 2.54 -16.26
N ARG A 239 -4.93 1.30 -16.02
CA ARG A 239 -6.35 0.99 -16.08
C ARG A 239 -7.14 1.83 -15.10
N LEU A 240 -6.60 2.04 -13.90
CA LEU A 240 -7.30 2.83 -12.89
C LEU A 240 -7.33 4.31 -13.25
N LEU A 241 -6.26 4.81 -13.89
CA LEU A 241 -6.28 6.19 -14.37
C LEU A 241 -7.41 6.41 -15.37
N SER A 242 -7.68 5.41 -16.21
CA SER A 242 -8.73 5.56 -17.22
C SER A 242 -10.09 5.80 -16.59
N PHE A 243 -10.35 5.16 -15.44
CA PHE A 243 -11.60 5.40 -14.72
C PHE A 243 -11.62 6.82 -14.14
N THR A 244 -10.52 7.23 -13.51
CA THR A 244 -10.45 8.58 -12.97
C THR A 244 -10.62 9.62 -14.07
N ASP A 245 -10.11 9.33 -15.26
CA ASP A 245 -10.24 10.25 -16.38
C ASP A 245 -11.71 10.47 -16.73
N LYS A 246 -12.47 9.39 -16.89
CA LYS A 246 -13.88 9.52 -17.26
C LYS A 246 -14.68 10.16 -16.13
N GLU A 247 -14.45 9.71 -14.89
CA GLU A 247 -15.23 10.23 -13.78
C GLU A 247 -14.92 11.70 -13.51
N THR A 248 -13.70 12.14 -13.80
CA THR A 248 -13.36 13.56 -13.63
C THR A 248 -14.11 14.41 -14.65
N ARG A 249 -14.17 13.96 -15.89
CA ARG A 249 -14.96 14.65 -16.90
C ARG A 249 -16.42 14.78 -16.46
N ALA A 250 -17.04 13.66 -16.11
CA ALA A 250 -18.42 13.69 -15.63
C ALA A 250 -18.57 14.65 -14.47
N PHE A 251 -17.65 14.60 -13.50
CA PHE A 251 -17.73 15.46 -12.33
C PHE A 251 -17.79 16.93 -12.73
N LEU A 252 -16.91 17.35 -13.66
CA LEU A 252 -16.91 18.74 -14.08
C LEU A 252 -18.18 19.07 -14.87
N GLU A 253 -18.66 18.12 -15.68
CA GLU A 253 -19.91 18.34 -16.40
C GLU A 253 -21.08 18.58 -15.47
N LYS A 254 -21.08 17.94 -14.29
CA LYS A 254 -22.15 18.17 -13.32
C LYS A 254 -22.00 19.49 -12.61
N LEU A 255 -20.77 19.98 -12.44
CA LEU A 255 -20.56 21.31 -11.86
C LEU A 255 -21.01 22.42 -12.80
N THR A 256 -21.06 22.17 -14.11
CA THR A 256 -21.53 23.19 -15.05
C THR A 256 -23.03 23.44 -14.89
N GLN A 257 -23.78 22.44 -14.44
CA GLN A 257 -25.22 22.55 -14.29
C GLN A 257 -25.64 23.15 -12.95
N ILE A 258 -24.68 23.51 -12.10
CA ILE A 258 -24.99 24.13 -10.81
C ILE A 258 -24.92 25.64 -10.96
N ASN A 259 -25.91 26.34 -10.41
CA ASN A 259 -26.00 27.79 -10.53
C ASN A 259 -25.20 28.42 -9.38
N LYS A 260 -23.89 28.47 -9.59
CA LYS A 260 -22.96 29.02 -8.61
C LYS A 260 -21.57 29.01 -9.23
N PRO A 261 -20.81 30.12 -9.16
CA PRO A 261 -19.43 30.08 -9.66
C PRO A 261 -18.56 29.12 -8.87
N ILE A 262 -18.15 28.02 -9.50
CA ILE A 262 -17.37 26.98 -8.86
C ILE A 262 -16.04 26.86 -9.59
N THR A 263 -14.94 26.82 -8.84
CA THR A 263 -13.61 26.64 -9.40
C THR A 263 -12.93 25.45 -8.73
N VAL A 264 -12.29 24.62 -9.54
CA VAL A 264 -11.64 23.40 -9.09
C VAL A 264 -10.14 23.52 -9.31
N VAL A 265 -9.36 23.21 -8.28
CA VAL A 265 -7.91 23.10 -8.37
C VAL A 265 -7.60 21.61 -8.30
N PHE A 266 -7.26 21.03 -9.45
CA PHE A 266 -7.03 19.61 -9.60
C PHE A 266 -5.54 19.35 -9.82
N TYR A 267 -5.00 18.34 -9.13
CA TYR A 267 -3.58 18.08 -9.24
C TYR A 267 -3.25 16.72 -8.64
N GLY A 268 -2.25 16.06 -9.22
CA GLY A 268 -1.66 14.89 -8.62
C GLY A 268 -0.57 15.29 -7.64
N ASP A 269 -0.56 14.63 -6.48
CA ASP A 269 0.41 15.01 -5.46
C ASP A 269 1.82 14.53 -5.81
N HIS A 270 1.93 13.39 -6.50
CA HIS A 270 3.24 12.83 -6.85
C HIS A 270 3.02 11.68 -7.83
N LEU A 271 4.09 11.31 -8.53
CA LEU A 271 4.04 10.13 -9.37
C LEU A 271 3.85 8.88 -8.51
N PRO A 272 3.21 7.84 -9.06
CA PRO A 272 3.18 6.55 -8.37
C PRO A 272 4.60 5.97 -8.29
N GLY A 273 4.84 5.20 -7.23
CA GLY A 273 6.16 4.65 -6.99
C GLY A 273 6.43 3.35 -7.70
N LEU A 274 5.80 3.14 -8.86
CA LEU A 274 5.93 1.88 -9.58
C LEU A 274 7.02 1.91 -10.64
N TYR A 275 7.62 3.11 -10.94
CA TYR A 275 8.64 3.19 -11.97
C TYR A 275 10.03 3.04 -11.35
N PRO A 276 10.94 2.29 -11.98
CA PRO A 276 12.36 2.43 -11.64
C PRO A 276 12.95 3.65 -12.32
N ASP A 277 14.05 4.14 -11.75
CA ASP A 277 14.66 5.36 -12.28
C ASP A 277 15.00 5.23 -13.76
N SER A 278 15.30 4.02 -14.22
CA SER A 278 15.65 3.83 -15.62
C SER A 278 14.52 4.26 -16.54
N ALA A 279 13.28 4.21 -16.06
CA ALA A 279 12.13 4.50 -16.91
C ALA A 279 12.12 5.93 -17.44
N PHE A 280 12.93 6.83 -16.85
CA PHE A 280 12.92 8.23 -17.24
C PHE A 280 14.02 8.59 -18.23
N ASN A 281 15.13 7.86 -18.23
CA ASN A 281 16.13 7.97 -19.28
C ASN A 281 16.78 9.35 -19.31
N LYS A 282 16.49 10.16 -20.34
CA LYS A 282 17.13 11.46 -20.49
C LYS A 282 16.45 12.57 -19.71
N HIS A 283 15.31 12.29 -19.06
CA HIS A 283 14.53 13.32 -18.37
C HIS A 283 14.19 12.82 -16.95
N ILE A 284 15.20 12.79 -16.08
CA ILE A 284 14.96 12.39 -14.70
C ILE A 284 14.10 13.42 -13.96
N GLU A 285 14.04 14.65 -14.47
CA GLU A 285 13.19 15.66 -13.84
C GLU A 285 11.72 15.25 -13.86
N ASN A 286 11.31 14.45 -14.86
CA ASN A 286 9.93 14.00 -14.97
C ASN A 286 9.53 13.07 -13.83
N LYS A 287 10.47 12.65 -12.99
CA LYS A 287 10.15 11.85 -11.82
C LYS A 287 9.30 12.62 -10.82
N TYR A 288 9.34 13.95 -10.86
CA TYR A 288 8.68 14.79 -9.86
C TYR A 288 7.77 15.84 -10.50
N LEU A 289 7.20 15.54 -11.67
CA LEU A 289 6.33 16.48 -12.38
C LEU A 289 4.98 15.80 -12.60
N THR A 290 3.94 16.34 -11.96
CA THR A 290 2.58 15.84 -12.12
C THR A 290 1.75 16.84 -12.92
N ASP A 291 0.48 16.50 -13.11
CA ASP A 291 -0.45 17.32 -13.88
C ASP A 291 -1.35 18.12 -12.96
N TYR A 292 -1.71 19.32 -13.40
CA TYR A 292 -2.65 20.15 -12.67
C TYR A 292 -3.46 20.96 -13.65
N PHE A 293 -4.65 21.39 -13.21
CA PHE A 293 -5.42 22.39 -13.92
C PHE A 293 -6.29 23.14 -12.93
N ILE A 294 -6.56 24.41 -13.24
CA ILE A 294 -7.47 25.25 -12.47
C ILE A 294 -8.64 25.56 -13.40
N TRP A 295 -9.82 25.02 -13.06
CA TRP A 295 -10.96 25.00 -13.97
C TRP A 295 -12.19 25.56 -13.27
N SER A 296 -12.88 26.48 -13.93
CA SER A 296 -14.12 27.07 -13.45
C SER A 296 -15.29 26.56 -14.30
N ASN A 297 -16.48 26.55 -13.68
CA ASN A 297 -17.67 26.04 -14.36
C ASN A 297 -18.25 27.06 -15.35
N GLY A 298 -17.87 28.33 -15.24
CA GLY A 298 -18.28 29.32 -16.22
C GLY A 298 -17.30 29.40 -17.37
N THR A 299 -16.95 30.61 -17.78
CA THR A 299 -15.90 30.81 -18.78
C THR A 299 -14.54 30.74 -18.11
N ASN A 300 -13.56 30.22 -18.84
CA ASN A 300 -12.23 29.97 -18.31
C ASN A 300 -11.19 30.74 -19.12
N GLU A 301 -10.41 31.56 -18.43
CA GLU A 301 -9.16 32.05 -18.99
C GLU A 301 -8.17 30.91 -19.08
N LYS A 302 -6.98 31.19 -19.63
CA LYS A 302 -5.90 30.21 -19.67
C LYS A 302 -4.59 30.98 -19.44
N LYS A 303 -4.22 31.11 -18.17
CA LYS A 303 -2.98 31.78 -17.82
C LYS A 303 -1.79 30.88 -18.14
N ASN A 304 -0.67 31.51 -18.51
CA ASN A 304 0.53 30.78 -18.89
C ASN A 304 1.32 30.46 -17.62
N HIS A 305 1.21 29.21 -17.16
CA HIS A 305 1.98 28.72 -16.01
C HIS A 305 2.30 27.25 -16.26
N PRO A 306 3.22 26.98 -17.18
CA PRO A 306 3.51 25.58 -17.52
C PRO A 306 4.19 24.80 -16.39
N LEU A 307 4.88 25.46 -15.47
CA LEU A 307 5.53 24.78 -14.37
C LEU A 307 5.43 25.63 -13.12
N ILE A 308 4.78 25.11 -12.07
CA ILE A 308 4.64 25.81 -10.80
C ILE A 308 4.73 24.79 -9.66
N ASN A 309 4.79 25.31 -8.45
CA ASN A 309 4.88 24.49 -7.24
C ASN A 309 3.50 24.31 -6.60
N SER A 310 3.38 23.31 -5.74
CA SER A 310 2.12 23.09 -5.05
C SER A 310 1.73 24.31 -4.22
N SER A 311 2.71 25.08 -3.75
CA SER A 311 2.45 26.27 -2.94
C SER A 311 1.95 27.45 -3.76
N ASP A 312 1.96 27.37 -5.08
CA ASP A 312 1.54 28.45 -5.96
C ASP A 312 0.06 28.37 -6.34
N PHE A 313 -0.65 27.32 -5.90
CA PHE A 313 -2.00 27.09 -6.42
C PHE A 313 -2.94 28.22 -6.04
N THR A 314 -2.88 28.70 -4.80
CA THR A 314 -3.84 29.72 -4.37
C THR A 314 -3.62 31.02 -5.14
N ALA A 315 -2.36 31.47 -5.25
CA ALA A 315 -2.08 32.67 -6.04
C ALA A 315 -2.53 32.49 -7.48
N ALA A 316 -2.32 31.30 -8.05
CA ALA A 316 -2.80 31.03 -9.40
C ALA A 316 -4.32 30.98 -9.46
N LEU A 317 -4.97 30.53 -8.38
CA LEU A 317 -6.43 30.53 -8.31
C LEU A 317 -6.98 31.95 -8.34
N PHE A 318 -6.40 32.84 -7.52
CA PHE A 318 -6.84 34.24 -7.52
C PHE A 318 -6.66 34.87 -8.89
N GLU A 319 -5.51 34.63 -9.53
CA GLU A 319 -5.29 35.19 -10.86
C GLU A 319 -6.31 34.65 -11.86
N HIS A 320 -6.57 33.34 -11.83
CA HIS A 320 -7.48 32.74 -12.79
C HIS A 320 -8.89 33.29 -12.64
N THR A 321 -9.33 33.50 -11.40
CA THR A 321 -10.68 34.01 -11.12
C THR A 321 -10.72 35.52 -11.02
N ASP A 322 -9.61 36.21 -11.28
CA ASP A 322 -9.56 37.67 -11.25
C ASP A 322 -10.09 38.20 -9.93
N SER A 323 -9.71 37.54 -8.83
CA SER A 323 -10.15 37.91 -7.51
C SER A 323 -9.15 38.84 -6.84
N LYS A 324 -9.66 39.73 -5.99
CA LYS A 324 -8.80 40.67 -5.30
C LYS A 324 -8.02 39.96 -4.21
N VAL A 325 -6.76 40.36 -4.03
CA VAL A 325 -5.82 39.64 -3.18
C VAL A 325 -5.59 40.43 -1.89
N SER A 326 -5.06 39.72 -0.90
CA SER A 326 -4.54 40.34 0.31
C SER A 326 -3.08 40.65 0.14
N PRO A 327 -2.50 41.45 1.04
CA PRO A 327 -1.05 41.69 0.96
C PRO A 327 -0.23 40.41 0.97
N TYR A 328 -0.70 39.37 1.66
CA TYR A 328 -0.02 38.09 1.66
C TYR A 328 -0.06 37.44 0.28
N TYR A 329 -1.24 37.38 -0.33
CA TYR A 329 -1.35 36.77 -1.65
C TYR A 329 -0.78 37.67 -2.74
N ALA A 330 -0.49 38.93 -2.45
CA ALA A 330 0.26 39.75 -3.39
C ALA A 330 1.71 39.32 -3.45
N LEU A 331 2.29 39.00 -2.29
CA LEU A 331 3.62 38.40 -2.25
C LEU A 331 3.64 37.09 -3.01
N LEU A 332 2.66 36.23 -2.76
CA LEU A 332 2.59 34.93 -3.43
C LEU A 332 2.33 35.06 -4.93
N THR A 333 1.72 36.16 -5.38
CA THR A 333 1.58 36.39 -6.81
C THR A 333 2.92 36.80 -7.42
N GLU A 334 3.70 37.59 -6.68
CA GLU A 334 5.06 37.91 -7.10
C GLU A 334 5.92 36.66 -7.16
N VAL A 335 5.71 35.72 -6.24
CA VAL A 335 6.44 34.45 -6.26
C VAL A 335 6.02 33.62 -7.45
N LEU A 336 4.71 33.50 -7.67
CA LEU A 336 4.19 32.68 -8.77
C LEU A 336 4.78 33.10 -10.10
N ASN A 337 4.94 34.41 -10.31
CA ASN A 337 5.31 34.95 -11.61
C ASN A 337 6.80 35.18 -11.80
N LYS A 338 7.55 35.44 -10.72
CA LYS A 338 8.92 35.90 -10.85
C LYS A 338 9.93 35.13 -10.01
N ALA A 339 9.49 34.20 -9.15
CA ALA A 339 10.43 33.56 -8.24
C ALA A 339 10.01 32.16 -7.80
N SER A 340 9.42 31.38 -8.70
CA SER A 340 8.97 30.04 -8.37
C SER A 340 9.96 29.03 -8.95
N VAL A 341 9.57 27.75 -8.93
CA VAL A 341 10.47 26.67 -9.29
C VAL A 341 10.84 26.66 -10.78
N ASP A 342 10.19 27.48 -11.59
CA ASP A 342 10.52 27.56 -13.01
C ASP A 342 11.64 28.56 -13.30
N LYS A 343 12.07 29.34 -12.33
CA LYS A 343 13.05 30.39 -12.51
C LYS A 343 14.41 29.94 -11.97
N SER A 344 15.44 30.70 -12.34
CA SER A 344 16.78 30.40 -11.86
C SER A 344 16.92 30.79 -10.39
N PRO A 345 17.52 29.94 -9.56
CA PRO A 345 17.79 30.33 -8.17
C PRO A 345 18.96 31.28 -8.01
N ASP A 346 19.65 31.63 -9.10
CA ASP A 346 20.77 32.54 -9.08
C ASP A 346 20.41 33.93 -9.56
N SER A 347 19.16 34.14 -9.99
CA SER A 347 18.73 35.46 -10.42
C SER A 347 18.59 36.39 -9.21
N PRO A 348 19.14 37.60 -9.25
CA PRO A 348 18.98 38.51 -8.11
C PRO A 348 17.53 38.84 -7.81
N GLU A 349 16.68 38.94 -8.82
CA GLU A 349 15.27 39.21 -8.57
C GLU A 349 14.60 38.05 -7.85
N VAL A 350 14.93 36.81 -8.23
CA VAL A 350 14.37 35.65 -7.55
C VAL A 350 14.80 35.64 -6.09
N LYS A 351 16.09 35.89 -5.84
CA LYS A 351 16.60 35.89 -4.46
C LYS A 351 15.87 36.91 -3.61
N ALA A 352 15.64 38.11 -4.16
CA ALA A 352 14.98 39.16 -3.38
C ALA A 352 13.56 38.78 -3.00
N ILE A 353 12.79 38.30 -3.97
CA ILE A 353 11.40 37.92 -3.70
C ILE A 353 11.37 36.72 -2.76
N GLN A 354 12.33 35.79 -2.90
CA GLN A 354 12.38 34.64 -2.01
C GLN A 354 12.80 35.04 -0.60
N ASN A 355 13.66 36.04 -0.47
CA ASN A 355 14.01 36.54 0.86
C ASN A 355 12.78 37.09 1.59
N ASP A 356 11.94 37.84 0.89
CA ASP A 356 10.69 38.29 1.47
C ASP A 356 9.84 37.10 1.93
N LEU A 357 9.70 36.10 1.06
CA LEU A 357 8.88 34.94 1.42
C LEU A 357 9.47 34.19 2.61
N LYS A 358 10.79 34.00 2.64
CA LYS A 358 11.41 33.29 3.75
C LYS A 358 11.17 33.98 5.07
N ASN A 359 11.30 35.32 5.11
CA ASN A 359 11.06 36.04 6.35
C ASN A 359 9.61 35.87 6.81
N ILE A 360 8.66 36.01 5.89
CA ILE A 360 7.26 35.76 6.22
C ILE A 360 7.06 34.32 6.68
N GLN A 361 7.64 33.38 5.93
CA GLN A 361 7.47 31.97 6.26
C GLN A 361 8.04 31.64 7.62
N TYR A 362 9.20 32.24 7.96
CA TYR A 362 9.79 32.04 9.27
C TYR A 362 8.94 32.67 10.36
N ASP A 363 8.35 33.84 10.08
CA ASP A 363 7.64 34.59 11.11
C ASP A 363 6.44 33.82 11.64
N VAL A 364 5.72 33.11 10.76
CA VAL A 364 4.44 32.50 11.11
C VAL A 364 4.57 31.04 11.50
N THR A 365 5.78 30.49 11.55
CA THR A 365 5.98 29.09 11.89
C THR A 365 6.69 28.95 13.23
N ILE A 366 7.99 29.26 13.30
CA ILE A 366 8.75 29.12 14.53
C ILE A 366 9.45 30.44 14.86
N GLY A 367 8.94 31.54 14.29
CA GLY A 367 9.54 32.84 14.47
C GLY A 367 8.91 33.61 15.61
N LYS A 368 9.13 34.93 15.61
CA LYS A 368 8.65 35.80 16.67
C LYS A 368 7.17 36.15 16.54
N GLY A 369 6.59 35.98 15.36
CA GLY A 369 5.19 36.34 15.17
C GLY A 369 4.95 37.81 15.02
N TYR A 370 5.89 38.55 14.43
CA TYR A 370 5.72 39.98 14.22
C TYR A 370 4.45 40.29 13.43
N LEU A 371 4.09 39.43 12.48
CA LEU A 371 2.96 39.73 11.60
C LEU A 371 1.64 39.83 12.36
N LEU A 372 1.58 39.35 13.60
CA LEU A 372 0.37 39.56 14.39
C LEU A 372 0.07 41.04 14.58
N LYS A 373 1.11 41.89 14.51
CA LYS A 373 0.93 43.33 14.68
C LYS A 373 0.53 44.02 13.38
N HIS A 374 0.76 43.39 12.24
CA HIS A 374 0.32 43.92 10.94
C HIS A 374 -1.01 43.23 10.64
N LYS A 375 -2.09 43.83 11.14
CA LYS A 375 -3.38 43.15 11.20
C LYS A 375 -4.08 43.04 9.84
N THR A 376 -3.61 43.75 8.82
CA THR A 376 -4.22 43.71 7.50
C THR A 376 -3.43 42.87 6.51
N PHE A 377 -2.37 42.19 6.95
CA PHE A 377 -1.49 41.49 6.02
C PHE A 377 -2.19 40.30 5.37
N PHE A 378 -3.12 39.65 6.07
CA PHE A 378 -3.79 38.47 5.56
C PHE A 378 -5.24 38.72 5.17
N LYS A 379 -5.73 39.95 5.29
CA LYS A 379 -7.08 40.31 4.88
C LYS A 379 -7.06 40.92 3.49
N ILE A 380 -8.18 40.77 2.78
CA ILE A 380 -8.29 41.27 1.42
C ILE A 380 -8.02 42.78 1.41
N GLY B 1 18.60 -19.18 -12.62
CA GLY B 1 17.51 -19.55 -11.72
C GLY B 1 18.04 -20.30 -10.50
N GLU B 3 21.81 -22.72 -9.26
CA GLU B 3 23.10 -23.31 -9.57
C GLU B 3 23.01 -24.82 -9.62
N LYS B 4 23.74 -25.41 -10.55
CA LYS B 4 23.77 -26.88 -10.68
C LYS B 4 24.69 -27.46 -9.61
N PRO B 5 24.20 -28.34 -8.74
CA PRO B 5 25.10 -28.98 -7.78
C PRO B 5 26.25 -29.68 -8.49
N THR B 6 27.40 -29.67 -7.81
CA THR B 6 28.61 -30.26 -8.39
C THR B 6 28.40 -31.70 -8.81
N ASN B 7 27.65 -32.47 -8.02
CA ASN B 7 27.48 -33.90 -8.24
C ASN B 7 26.16 -34.24 -8.92
N TYR B 8 25.53 -33.28 -9.59
CA TYR B 8 24.28 -33.56 -10.29
C TYR B 8 24.53 -34.53 -11.43
N SER B 9 23.73 -35.58 -11.50
CA SER B 9 23.85 -36.60 -12.54
C SER B 9 22.72 -37.59 -12.35
N GLN B 10 22.53 -38.44 -13.36
CA GLN B 10 21.49 -39.45 -13.30
C GLN B 10 21.71 -40.42 -12.13
N GLU B 11 22.97 -40.71 -11.82
CA GLU B 11 23.27 -41.68 -10.78
C GLU B 11 23.07 -41.08 -9.39
N THR B 12 23.44 -39.80 -9.22
CA THR B 12 23.17 -39.13 -7.96
C THR B 12 21.69 -39.07 -7.65
N ILE B 13 20.87 -38.81 -8.66
CA ILE B 13 19.42 -38.77 -8.45
C ILE B 13 18.90 -40.16 -8.09
N ALA B 14 19.39 -41.19 -8.76
CA ALA B 14 18.97 -42.54 -8.42
C ALA B 14 19.38 -42.92 -7.00
N SER B 15 20.60 -42.55 -6.60
CA SER B 15 21.03 -42.80 -5.24
C SER B 15 20.11 -42.12 -4.23
N ILE B 16 19.78 -40.86 -4.49
CA ILE B 16 18.90 -40.12 -3.59
C ILE B 16 17.52 -40.78 -3.55
N ALA B 17 16.99 -41.14 -4.71
CA ALA B 17 15.66 -41.77 -4.74
C ALA B 17 15.66 -43.07 -3.94
N GLN B 18 16.74 -43.85 -4.03
CA GLN B 18 16.81 -45.10 -3.28
C GLN B 18 16.88 -44.84 -1.79
N LYS B 19 17.74 -43.92 -1.37
CA LYS B 19 17.91 -43.63 0.06
C LYS B 19 16.58 -43.28 0.70
N TYR B 20 15.86 -42.32 0.13
CA TYR B 20 14.63 -41.84 0.75
C TYR B 20 13.43 -42.71 0.40
N GLN B 21 13.57 -43.63 -0.54
CA GLN B 21 12.59 -44.71 -0.66
C GLN B 21 12.63 -45.60 0.58
N LYS B 22 13.83 -45.92 1.07
CA LYS B 22 13.95 -46.68 2.31
C LYS B 22 13.44 -45.89 3.50
N LEU B 23 13.86 -44.62 3.62
CA LEU B 23 13.48 -43.82 4.78
C LEU B 23 11.98 -43.62 4.85
N ALA B 24 11.32 -43.48 3.69
CA ALA B 24 9.87 -43.36 3.69
C ALA B 24 9.23 -44.62 4.26
N GLU B 25 9.76 -45.80 3.89
CA GLU B 25 9.25 -47.05 4.44
C GLU B 25 9.46 -47.12 5.95
N ASP B 26 10.62 -46.69 6.43
CA ASP B 26 10.87 -46.66 7.86
C ASP B 26 9.89 -45.74 8.57
N ILE B 27 9.72 -44.52 8.05
CA ILE B 27 8.84 -43.56 8.69
C ILE B 27 7.40 -44.08 8.72
N ASN B 28 6.96 -44.71 7.63
CA ASN B 28 5.56 -45.10 7.50
C ASN B 28 5.21 -46.29 8.37
N LYS B 29 6.20 -47.03 8.86
CA LYS B 29 5.92 -48.06 9.85
C LYS B 29 5.44 -47.46 11.18
N ASP B 30 5.49 -46.13 11.31
CA ASP B 30 5.05 -45.46 12.53
C ASP B 30 3.98 -44.41 12.29
N ARG B 31 3.61 -44.15 11.03
CA ARG B 31 2.56 -43.20 10.70
C ARG B 31 1.26 -43.94 10.42
N LYS B 32 0.17 -43.49 11.05
CA LYS B 32 -1.11 -44.20 10.96
C LYS B 32 -1.98 -43.68 9.81
N ASN B 33 -2.09 -42.37 9.64
CA ASN B 33 -3.15 -41.77 8.85
C ASN B 33 -2.73 -41.56 7.40
N ASN B 34 -3.71 -41.19 6.58
CA ASN B 34 -3.51 -40.82 5.18
C ASN B 34 -3.82 -39.34 5.02
N ILE B 35 -2.93 -38.62 4.34
CA ILE B 35 -3.15 -37.18 4.16
C ILE B 35 -4.45 -36.94 3.39
N ALA B 36 -4.77 -37.81 2.44
CA ALA B 36 -5.97 -37.63 1.62
C ALA B 36 -7.26 -37.68 2.45
N ASP B 37 -7.21 -38.23 3.66
CA ASP B 37 -8.37 -38.28 4.53
C ASP B 37 -8.59 -37.00 5.30
N GLN B 38 -7.63 -36.08 5.31
CA GLN B 38 -7.75 -34.80 5.98
C GLN B 38 -7.99 -33.69 4.97
N THR B 39 -8.92 -32.80 5.29
CA THR B 39 -9.07 -31.55 4.55
C THR B 39 -8.07 -30.55 5.10
N VAL B 40 -7.29 -29.94 4.21
CA VAL B 40 -6.17 -29.07 4.60
C VAL B 40 -6.42 -27.67 4.06
N ILE B 41 -6.13 -26.68 4.90
CA ILE B 41 -6.30 -25.27 4.57
C ILE B 41 -4.96 -24.59 4.83
N TYR B 42 -4.27 -24.19 3.77
CA TYR B 42 -3.10 -23.33 3.90
C TYR B 42 -3.54 -21.88 3.93
N LEU B 43 -3.31 -21.22 5.06
CA LEU B 43 -3.90 -19.93 5.35
C LEU B 43 -2.79 -18.90 5.56
N LEU B 44 -2.46 -18.16 4.50
CA LEU B 44 -1.47 -17.10 4.56
C LEU B 44 -2.14 -15.84 5.11
N SER B 45 -1.76 -15.46 6.32
CA SER B 45 -2.33 -14.27 6.98
C SER B 45 -1.41 -13.10 6.69
N GLU B 46 -1.82 -12.25 5.74
CA GLU B 46 -0.98 -11.17 5.24
C GLU B 46 -0.40 -10.33 6.38
N SER B 47 0.94 -10.24 6.41
CA SER B 47 1.66 -9.30 7.26
C SER B 47 1.42 -9.54 8.76
N LEU B 48 1.04 -10.75 9.15
CA LEU B 48 0.75 -11.04 10.56
C LEU B 48 2.03 -11.40 11.29
N SER B 49 2.36 -10.66 12.34
CA SER B 49 3.52 -10.95 13.17
C SER B 49 3.36 -10.24 14.49
N ASP B 50 3.42 -10.99 15.59
CA ASP B 50 3.22 -10.43 16.92
C ASP B 50 4.19 -9.29 17.19
N PRO B 51 3.72 -8.05 17.38
CA PRO B 51 4.65 -6.95 17.63
C PRO B 51 5.37 -7.03 18.98
N ASP B 52 5.01 -7.98 19.84
CA ASP B 52 5.72 -8.14 21.11
C ASP B 52 7.17 -8.54 20.89
N ARG B 53 7.46 -9.25 19.79
CA ARG B 53 8.84 -9.66 19.53
C ARG B 53 9.73 -8.50 19.10
N VAL B 54 9.16 -7.34 18.81
CA VAL B 54 9.95 -6.16 18.48
C VAL B 54 10.24 -5.45 19.80
N SER B 55 11.51 -5.41 20.18
CA SER B 55 11.87 -5.04 21.55
C SER B 55 11.52 -3.59 21.87
N ASN B 56 11.70 -2.69 20.91
CA ASN B 56 11.59 -1.25 21.16
C ASN B 56 10.18 -0.70 20.96
N VAL B 57 9.16 -1.56 20.84
CA VAL B 57 7.79 -1.09 20.72
C VAL B 57 7.00 -1.52 21.94
N THR B 58 6.03 -0.69 22.32
CA THR B 58 5.12 -0.99 23.40
C THR B 58 3.69 -0.85 22.90
N VAL B 59 2.91 -1.90 23.07
CA VAL B 59 1.49 -1.90 22.72
C VAL B 59 0.69 -1.93 24.02
N SER B 60 -0.36 -1.10 24.08
CA SER B 60 -1.11 -0.96 25.33
C SER B 60 -1.75 -2.28 25.74
N HIS B 61 -2.24 -3.05 24.76
CA HIS B 61 -2.91 -4.32 25.03
C HIS B 61 -2.24 -5.43 24.23
N ASP B 62 -2.48 -6.66 24.65
CA ASP B 62 -2.10 -7.83 23.87
C ASP B 62 -3.09 -7.97 22.72
N VAL B 63 -2.60 -7.89 21.48
CA VAL B 63 -3.47 -7.88 20.30
C VAL B 63 -3.58 -9.24 19.64
N LEU B 64 -2.83 -10.24 20.13
CA LEU B 64 -2.94 -11.62 19.61
C LEU B 64 -3.13 -12.61 20.76
N PRO B 65 -4.05 -12.34 21.68
CA PRO B 65 -4.24 -13.28 22.80
C PRO B 65 -4.72 -14.65 22.36
N ASN B 66 -5.71 -14.70 21.46
CA ASN B 66 -6.28 -15.99 21.08
C ASN B 66 -5.31 -16.80 20.21
N ILE B 67 -4.58 -16.13 19.32
CA ILE B 67 -3.60 -16.85 18.51
C ILE B 67 -2.45 -17.34 19.39
N LYS B 68 -2.04 -16.54 20.37
CA LYS B 68 -1.07 -17.03 21.35
C LYS B 68 -1.56 -18.28 22.04
N ALA B 69 -2.84 -18.31 22.41
CA ALA B 69 -3.39 -19.50 23.06
C ALA B 69 -3.38 -20.69 22.10
N ILE B 70 -3.79 -20.46 20.85
CA ILE B 70 -3.76 -21.53 19.85
C ILE B 70 -2.34 -22.08 19.73
N LYS B 71 -1.34 -21.20 19.65
CA LYS B 71 0.03 -21.65 19.53
C LYS B 71 0.46 -22.48 20.74
N ASN B 72 -0.04 -22.16 21.93
CA ASN B 72 0.30 -22.93 23.11
C ASN B 72 -0.32 -24.33 23.10
N SER B 73 -1.39 -24.53 22.34
CA SER B 73 -2.15 -25.77 22.38
C SER B 73 -1.78 -26.77 21.29
N THR B 74 -0.97 -26.36 20.30
CA THR B 74 -0.69 -27.23 19.17
C THR B 74 0.68 -26.87 18.60
N THR B 75 1.14 -27.70 17.67
CA THR B 75 2.36 -27.41 16.92
C THR B 75 2.35 -25.98 16.43
N ALA B 76 3.37 -25.21 16.80
CA ALA B 76 3.42 -23.80 16.50
C ALA B 76 4.80 -23.28 16.85
N GLY B 77 5.08 -22.07 16.38
CA GLY B 77 6.38 -21.46 16.61
C GLY B 77 6.59 -20.27 15.70
N LEU B 78 7.85 -20.05 15.33
CA LEU B 78 8.22 -18.95 14.45
C LEU B 78 8.58 -19.47 13.07
N GLN B 80 10.69 -18.39 9.61
CA GLN B 80 11.62 -17.47 8.96
C GLN B 80 11.07 -17.04 7.60
N SER B 81 10.98 -15.73 7.41
CA SER B 81 10.55 -15.14 6.15
C SER B 81 11.77 -14.69 5.35
N ASP B 82 11.64 -14.74 4.03
CA ASP B 82 12.74 -14.38 3.14
C ASP B 82 12.80 -12.89 2.84
N SER B 83 11.79 -12.12 3.25
CA SER B 83 11.75 -10.70 2.92
C SER B 83 11.02 -9.95 4.02
N TYR B 84 10.97 -8.63 3.88
CA TYR B 84 10.40 -7.72 4.87
C TYR B 84 9.43 -6.77 4.17
N GLY B 85 8.19 -6.73 4.66
CA GLY B 85 7.18 -5.85 4.12
C GLY B 85 6.67 -6.23 2.75
N GLY B 86 7.07 -7.38 2.21
CA GLY B 86 6.62 -7.81 0.90
C GLY B 86 7.11 -9.20 0.62
N GLY B 87 6.76 -9.69 -0.57
CA GLY B 87 7.18 -11.00 -1.02
C GLY B 87 6.15 -12.10 -0.87
N THR B 88 4.89 -11.75 -0.63
CA THR B 88 3.82 -12.71 -0.35
C THR B 88 3.94 -14.00 -1.14
N ALA B 89 3.92 -13.90 -2.47
CA ALA B 89 3.80 -15.08 -3.32
C ALA B 89 5.03 -15.98 -3.26
N ASN B 90 6.16 -15.48 -2.77
CA ASN B 90 7.35 -16.32 -2.66
C ASN B 90 7.21 -17.31 -1.51
N GLU B 92 4.30 -18.20 -0.31
CA GLU B 92 3.23 -19.03 -0.84
C GLU B 92 3.78 -20.18 -1.66
N PHE B 93 4.60 -19.87 -2.67
CA PHE B 93 5.23 -20.90 -3.49
C PHE B 93 5.91 -21.96 -2.64
N GLN B 94 6.65 -21.54 -1.61
CA GLN B 94 7.41 -22.49 -0.80
C GLN B 94 6.49 -23.41 -0.01
N THR B 95 5.35 -22.94 0.46
CA THR B 95 4.45 -23.82 1.19
C THR B 95 3.93 -24.94 0.29
N LEU B 96 3.59 -24.62 -0.97
CA LEU B 96 2.98 -25.61 -1.85
C LEU B 96 3.99 -26.62 -2.37
N THR B 97 5.16 -26.16 -2.82
CA THR B 97 6.16 -27.04 -3.39
C THR B 97 7.14 -27.60 -2.36
N SER B 98 7.33 -26.90 -1.25
CA SER B 98 8.34 -27.21 -0.23
C SER B 98 9.76 -27.03 -0.74
N LEU B 99 9.95 -26.36 -1.88
CA LEU B 99 11.30 -26.07 -2.37
C LEU B 99 11.75 -24.73 -1.83
N PRO B 100 12.84 -24.67 -1.05
CA PRO B 100 13.17 -23.44 -0.33
C PRO B 100 13.77 -22.36 -1.21
N PHE B 101 13.33 -21.13 -0.98
CA PHE B 101 13.91 -19.98 -1.67
C PHE B 101 15.42 -19.90 -1.49
N TYR B 102 15.91 -20.21 -0.29
CA TYR B 102 17.34 -20.02 0.00
C TYR B 102 18.24 -20.88 -0.87
N ASN B 103 17.69 -21.86 -1.59
CA ASN B 103 18.49 -22.67 -2.52
C ASN B 103 18.40 -22.20 -3.96
N PHE B 104 17.50 -21.27 -4.28
CA PHE B 104 17.49 -20.68 -5.61
C PHE B 104 18.50 -19.53 -5.67
N SER B 105 18.80 -19.10 -6.89
CA SER B 105 19.70 -17.98 -7.09
C SER B 105 19.11 -16.71 -6.51
N SER B 106 19.97 -15.86 -5.95
CA SER B 106 19.54 -14.57 -5.42
C SER B 106 19.07 -13.61 -6.51
N SER B 107 19.24 -13.96 -7.79
CA SER B 107 18.70 -13.13 -8.86
C SER B 107 17.19 -13.29 -9.00
N VAL B 108 16.61 -14.35 -8.42
CA VAL B 108 15.18 -14.61 -8.55
C VAL B 108 14.41 -13.65 -7.65
N SER B 109 13.41 -12.99 -8.21
CA SER B 109 12.58 -12.03 -7.49
C SER B 109 11.21 -12.61 -7.12
N VAL B 110 10.52 -13.21 -8.08
CA VAL B 110 9.19 -13.78 -7.86
C VAL B 110 9.20 -15.20 -8.41
N LEU B 111 9.07 -16.19 -7.52
CA LEU B 111 9.18 -17.59 -7.91
C LEU B 111 8.06 -17.99 -8.87
N TYR B 112 6.85 -17.46 -8.68
CA TYR B 112 5.73 -17.77 -9.56
C TYR B 112 5.97 -17.30 -10.99
N SER B 113 6.84 -16.30 -11.18
CA SER B 113 7.10 -15.77 -12.51
C SER B 113 8.37 -16.34 -13.13
N GLU B 114 9.36 -16.73 -12.33
CA GLU B 114 10.67 -17.06 -12.85
C GLU B 114 11.05 -18.52 -12.70
N VAL B 115 10.36 -19.27 -11.84
CA VAL B 115 10.68 -20.68 -11.58
C VAL B 115 9.50 -21.58 -11.93
N PHE B 116 8.30 -21.24 -11.46
CA PHE B 116 7.16 -22.12 -11.66
C PHE B 116 6.87 -22.40 -13.14
N PRO B 117 6.97 -21.43 -14.04
CA PRO B 117 6.74 -21.74 -15.46
C PRO B 117 7.71 -22.77 -16.02
N LYS B 118 8.90 -22.90 -15.43
CA LYS B 118 9.91 -23.84 -15.91
C LYS B 118 9.76 -25.24 -15.33
N ALA B 120 8.18 -28.78 -15.00
CA ALA B 120 7.35 -29.79 -15.61
C ALA B 120 6.66 -30.61 -14.53
N LYS B 121 5.33 -30.62 -14.54
CA LYS B 121 4.53 -31.36 -13.56
C LYS B 121 5.00 -31.07 -12.14
N PRO B 122 4.80 -29.84 -11.65
CA PRO B 122 5.25 -29.51 -10.29
C PRO B 122 4.47 -30.30 -9.24
N HIS B 123 5.21 -30.86 -8.29
CA HIS B 123 4.60 -31.62 -7.20
C HIS B 123 4.34 -30.69 -6.02
N THR B 124 3.13 -30.78 -5.48
CA THR B 124 2.67 -29.93 -4.39
C THR B 124 1.76 -30.75 -3.50
N ILE B 125 1.42 -30.19 -2.33
CA ILE B 125 0.49 -30.86 -1.43
C ILE B 125 -0.89 -30.99 -2.06
N SER B 126 -1.20 -30.16 -3.07
CA SER B 126 -2.53 -30.19 -3.66
C SER B 126 -2.75 -31.43 -4.53
N GLU B 127 -1.69 -32.07 -5.01
CA GLU B 127 -1.85 -33.20 -5.93
C GLU B 127 -2.48 -34.41 -5.26
N PHE B 128 -2.49 -34.47 -3.93
CA PHE B 128 -3.12 -35.59 -3.23
C PHE B 128 -4.63 -35.42 -3.11
N TYR B 129 -5.18 -34.33 -3.64
CA TYR B 129 -6.61 -34.07 -3.62
C TYR B 129 -7.12 -33.97 -5.05
N GLN B 130 -8.39 -34.27 -5.23
CA GLN B 130 -8.99 -34.24 -6.56
C GLN B 130 -9.12 -32.81 -7.05
N GLY B 131 -8.88 -32.61 -8.35
CA GLY B 131 -8.99 -31.29 -8.96
C GLY B 131 -10.23 -30.53 -8.53
N LYS B 132 -11.39 -31.19 -8.57
CA LYS B 132 -12.64 -30.54 -8.18
C LYS B 132 -12.63 -30.11 -6.72
N ASN B 133 -11.68 -30.58 -5.91
CA ASN B 133 -11.61 -30.26 -4.49
C ASN B 133 -10.41 -29.39 -4.15
N ARG B 134 -9.78 -28.76 -5.14
CA ARG B 134 -8.70 -27.80 -4.92
C ARG B 134 -9.25 -26.40 -5.10
N ILE B 135 -9.12 -25.57 -4.05
CA ILE B 135 -9.76 -24.27 -4.00
C ILE B 135 -8.72 -23.22 -3.59
N ALA B 136 -8.68 -22.12 -4.33
CA ALA B 136 -7.80 -20.99 -4.04
C ALA B 136 -8.62 -19.75 -3.78
N HIS B 138 -8.19 -15.35 -2.76
CA HIS B 138 -7.39 -14.15 -2.57
C HIS B 138 -8.25 -12.91 -2.88
N PRO B 139 -8.52 -12.02 -1.87
CA PRO B 139 -9.35 -10.82 -2.12
C PRO B 139 -8.64 -9.72 -2.89
N ALA B 140 -8.26 -10.01 -4.13
CA ALA B 140 -7.67 -9.02 -5.02
C ALA B 140 -7.77 -9.57 -6.45
N SER B 141 -6.93 -9.07 -7.35
CA SER B 141 -6.92 -9.59 -8.71
C SER B 141 -6.28 -10.96 -8.73
N ALA B 142 -6.93 -11.89 -9.44
CA ALA B 142 -6.39 -13.24 -9.57
C ALA B 142 -5.09 -13.26 -10.37
N ASN B 143 -4.83 -12.22 -11.16
CA ASN B 143 -3.62 -12.17 -11.96
C ASN B 143 -2.43 -11.57 -11.23
N ASN B 144 -2.64 -11.02 -10.04
CA ASN B 144 -1.52 -10.54 -9.25
C ASN B 144 -0.51 -11.66 -9.03
N PHE B 145 0.75 -11.36 -9.32
CA PHE B 145 1.86 -12.32 -9.16
C PHE B 145 1.59 -13.64 -9.88
N ASN B 146 0.78 -13.58 -10.94
CA ASN B 146 0.57 -14.72 -11.83
C ASN B 146 -0.17 -15.86 -11.14
N ARG B 147 -0.90 -15.59 -10.05
CA ARG B 147 -1.56 -16.66 -9.31
C ARG B 147 -2.54 -17.43 -10.20
N LYS B 148 -3.32 -16.71 -11.01
CA LYS B 148 -4.30 -17.37 -11.87
C LYS B 148 -3.64 -18.44 -12.73
N THR B 149 -2.52 -18.11 -13.35
CA THR B 149 -1.79 -19.09 -14.15
C THR B 149 -1.33 -20.27 -13.29
N VAL B 150 -0.81 -19.99 -12.09
CA VAL B 150 -0.28 -21.04 -11.24
C VAL B 150 -1.37 -22.02 -10.85
N TYR B 151 -2.48 -21.51 -10.32
CA TYR B 151 -3.54 -22.38 -9.85
C TYR B 151 -4.31 -23.03 -10.99
N SER B 152 -4.31 -22.41 -12.18
CA SER B 152 -4.81 -23.09 -13.35
C SER B 152 -3.92 -24.25 -13.73
N ASN B 153 -2.59 -24.04 -13.73
CA ASN B 153 -1.68 -25.13 -14.07
C ASN B 153 -1.72 -26.24 -13.03
N LEU B 154 -2.05 -25.92 -11.78
CA LEU B 154 -2.17 -26.93 -10.73
C LEU B 154 -3.54 -27.59 -10.71
N GLY B 155 -4.43 -27.26 -11.63
CA GLY B 155 -5.71 -27.95 -11.73
C GLY B 155 -6.72 -27.58 -10.68
N PHE B 156 -6.67 -26.35 -10.18
CA PHE B 156 -7.63 -25.92 -9.19
C PHE B 156 -8.96 -25.61 -9.85
N SER B 157 -10.04 -26.15 -9.28
CA SER B 157 -11.37 -25.95 -9.85
C SER B 157 -11.89 -24.54 -9.59
N LYS B 158 -11.47 -23.91 -8.50
CA LYS B 158 -11.97 -22.60 -8.11
C LYS B 158 -10.82 -21.70 -7.67
N PHE B 159 -10.97 -20.41 -7.94
CA PHE B 159 -10.03 -19.38 -7.49
C PHE B 159 -10.86 -18.12 -7.21
N LEU B 160 -11.37 -18.03 -5.98
CA LEU B 160 -12.14 -16.86 -5.59
C LEU B 160 -11.24 -15.63 -5.57
N ALA B 161 -11.69 -14.56 -6.23
CA ALA B 161 -10.92 -13.33 -6.29
C ALA B 161 -11.88 -12.16 -6.48
N LEU B 162 -11.40 -10.97 -6.14
CA LEU B 162 -12.18 -9.76 -6.39
C LEU B 162 -12.36 -9.49 -7.88
N SER B 163 -11.48 -10.03 -8.72
CA SER B 163 -11.59 -9.84 -10.16
C SER B 163 -10.64 -10.80 -10.84
N GLY B 164 -10.93 -11.08 -12.11
CA GLY B 164 -10.06 -11.92 -12.93
C GLY B 164 -10.38 -13.39 -12.91
N SER B 165 -11.46 -13.80 -12.26
CA SER B 165 -11.86 -15.20 -12.25
C SER B 165 -13.39 -15.28 -12.25
N LYS B 166 -13.89 -16.48 -12.54
CA LYS B 166 -15.33 -16.73 -12.50
C LYS B 166 -15.85 -16.84 -11.07
N ASP B 167 -14.99 -17.18 -10.11
CA ASP B 167 -15.41 -17.41 -8.74
C ASP B 167 -15.27 -16.13 -7.91
N LYS B 168 -16.29 -15.84 -7.10
CA LYS B 168 -16.37 -14.58 -6.36
C LYS B 168 -16.59 -14.85 -4.88
N PHE B 169 -16.21 -13.87 -4.07
CA PHE B 169 -16.53 -13.88 -2.65
C PHE B 169 -17.98 -13.46 -2.44
N LYS B 170 -18.55 -13.90 -1.32
CA LYS B 170 -19.91 -13.58 -0.94
C LYS B 170 -19.91 -12.75 0.34
N ASN B 171 -20.83 -11.79 0.42
CA ASN B 171 -20.99 -10.95 1.60
C ASN B 171 -19.68 -10.23 1.93
N ILE B 172 -19.12 -9.58 0.92
CA ILE B 172 -17.83 -8.90 1.08
C ILE B 172 -18.00 -7.73 2.04
N GLU B 173 -17.12 -7.69 3.06
CA GLU B 173 -17.10 -6.59 4.02
C GLU B 173 -15.64 -6.23 4.33
N ASN B 174 -15.42 -4.94 4.54
CA ASN B 174 -14.08 -4.42 4.81
C ASN B 174 -13.89 -4.14 6.29
N VAL B 175 -12.73 -4.51 6.81
CA VAL B 175 -12.25 -4.09 8.12
C VAL B 175 -10.92 -3.40 7.88
N GLY B 176 -10.90 -2.07 8.03
CA GLY B 176 -9.82 -1.27 7.51
C GLY B 176 -10.13 -0.85 6.10
N LEU B 177 -9.11 -0.70 5.25
CA LEU B 177 -9.31 -0.31 3.87
C LEU B 177 -9.58 -1.47 2.93
N LEU B 178 -9.32 -2.70 3.36
CA LEU B 178 -9.34 -3.85 2.48
C LEU B 178 -10.31 -4.91 3.00
N THR B 179 -10.43 -6.00 2.24
CA THR B 179 -11.38 -7.06 2.58
C THR B 179 -11.02 -7.71 3.91
N SER B 180 -12.01 -7.78 4.80
CA SER B 180 -11.77 -8.27 6.16
C SER B 180 -11.41 -9.75 6.15
N ASP B 181 -10.70 -10.16 7.19
CA ASP B 181 -10.44 -11.58 7.40
C ASP B 181 -11.72 -12.35 7.68
N LYS B 182 -12.71 -11.69 8.30
CA LYS B 182 -14.01 -12.32 8.53
C LYS B 182 -14.61 -12.79 7.21
N THR B 183 -14.59 -11.94 6.18
CA THR B 183 -15.12 -12.32 4.88
C THR B 183 -14.40 -13.55 4.33
N VAL B 184 -13.08 -13.59 4.46
CA VAL B 184 -12.32 -14.73 3.95
C VAL B 184 -12.71 -15.99 4.73
N TYR B 185 -12.67 -15.92 6.06
CA TYR B 185 -12.96 -17.10 6.88
C TYR B 185 -14.33 -17.66 6.56
N ASN B 186 -15.35 -16.81 6.53
CA ASN B 186 -16.71 -17.30 6.29
C ASN B 186 -16.86 -17.89 4.90
N ASN B 187 -16.14 -17.35 3.91
CA ASN B 187 -16.22 -17.92 2.57
C ASN B 187 -15.56 -19.28 2.50
N ILE B 188 -14.59 -19.56 3.37
CA ILE B 188 -14.03 -20.90 3.47
C ILE B 188 -15.09 -21.85 4.03
N LEU B 189 -15.72 -21.46 5.14
CA LEU B 189 -16.77 -22.28 5.73
C LEU B 189 -17.90 -22.54 4.75
N SER B 190 -18.21 -21.55 3.90
CA SER B 190 -19.27 -21.73 2.91
C SER B 190 -18.98 -22.88 1.96
N LEU B 191 -17.70 -23.20 1.74
CA LEU B 191 -17.30 -24.15 0.72
C LEU B 191 -16.81 -25.47 1.27
N ILE B 192 -16.65 -25.61 2.58
CA ILE B 192 -16.21 -26.87 3.16
C ILE B 192 -17.29 -27.92 2.91
N ASN B 193 -16.92 -29.00 2.21
CA ASN B 193 -17.82 -30.09 1.91
C ASN B 193 -17.40 -31.33 2.71
N PRO B 194 -18.04 -31.63 3.83
CA PRO B 194 -17.61 -32.79 4.63
C PRO B 194 -17.61 -34.10 3.86
N SER B 195 -18.35 -34.19 2.75
CA SER B 195 -18.35 -35.41 1.95
C SER B 195 -17.06 -35.59 1.16
N GLU B 196 -16.31 -34.50 0.94
CA GLU B 196 -15.09 -34.54 0.15
C GLU B 196 -13.90 -34.10 0.99
N SER B 197 -12.72 -34.58 0.63
CA SER B 197 -11.47 -34.09 1.19
C SER B 197 -10.94 -32.99 0.29
N GLN B 198 -10.82 -31.78 0.83
CA GLN B 198 -10.50 -30.61 0.04
C GLN B 198 -9.15 -30.04 0.46
N PHE B 199 -8.57 -29.23 -0.44
CA PHE B 199 -7.38 -28.45 -0.14
C PHE B 199 -7.66 -27.00 -0.49
N PHE B 200 -7.49 -26.11 0.49
CA PHE B 200 -7.65 -24.67 0.31
C PHE B 200 -6.30 -23.99 0.38
N SER B 201 -6.04 -23.08 -0.57
CA SER B 201 -4.91 -22.16 -0.52
C SER B 201 -5.48 -20.75 -0.41
N VAL B 202 -5.26 -20.12 0.74
CA VAL B 202 -5.90 -18.85 1.07
C VAL B 202 -4.82 -17.80 1.28
N ILE B 203 -5.01 -16.62 0.68
CA ILE B 203 -4.13 -15.47 0.85
C ILE B 203 -4.99 -14.29 1.24
N THR B 204 -4.85 -13.83 2.49
CA THR B 204 -5.69 -12.75 2.99
C THR B 204 -5.17 -11.39 2.51
N GLN B 206 -6.56 -8.25 4.51
CA GLN B 206 -7.00 -7.24 5.48
C GLN B 206 -5.82 -6.42 6.00
N ASN B 207 -4.75 -7.08 6.45
CA ASN B 207 -3.65 -6.40 7.09
C ASN B 207 -2.55 -6.02 6.11
N HIS B 208 -2.85 -5.96 4.82
CA HIS B 208 -1.92 -5.45 3.84
C HIS B 208 -1.78 -3.94 3.99
N ILE B 209 -0.56 -3.44 3.78
CA ILE B 209 -0.35 -1.99 3.74
C ILE B 209 -1.20 -1.40 2.62
N PRO B 210 -1.79 -0.20 2.79
CA PRO B 210 -1.78 0.71 3.93
C PRO B 210 -2.77 0.33 5.04
N TRP B 211 -2.35 0.58 6.29
CA TRP B 211 -3.16 0.24 7.46
C TRP B 211 -3.88 1.48 7.95
N SER B 212 -5.19 1.36 8.13
CA SER B 212 -6.03 2.47 8.57
C SER B 212 -7.12 1.91 9.47
N SER B 213 -7.16 2.38 10.71
CA SER B 213 -8.13 1.91 11.68
C SER B 213 -8.19 2.90 12.84
N ASP B 214 -9.42 3.21 13.27
CA ASP B 214 -9.64 4.10 14.40
C ASP B 214 -10.36 3.42 15.56
N TYR B 215 -10.66 2.12 15.45
CA TYR B 215 -11.31 1.39 16.52
C TYR B 215 -10.66 0.02 16.63
N PRO B 216 -10.45 -0.49 17.86
CA PRO B 216 -10.69 0.12 19.18
C PRO B 216 -9.71 1.23 19.52
N GLU B 217 -10.25 2.34 20.07
CA GLU B 217 -9.42 3.49 20.40
C GLU B 217 -8.47 3.20 21.55
N GLU B 218 -8.86 2.31 22.47
CA GLU B 218 -8.02 2.03 23.63
C GLU B 218 -6.71 1.35 23.26
N ILE B 219 -6.65 0.69 22.11
CA ILE B 219 -5.42 0.05 21.66
C ILE B 219 -4.53 1.13 21.02
N VAL B 220 -3.43 1.44 21.70
CA VAL B 220 -2.44 2.40 21.21
C VAL B 220 -1.07 1.75 21.29
N ALA B 221 -0.18 2.14 20.37
CA ALA B 221 1.16 1.58 20.32
C ALA B 221 2.15 2.67 19.97
N GLU B 222 3.41 2.43 20.33
CA GLU B 222 4.46 3.39 20.03
C GLU B 222 5.80 2.68 20.12
N GLY B 223 6.82 3.31 19.54
CA GLY B 223 8.16 2.74 19.53
C GLY B 223 9.20 3.80 19.82
N LYS B 224 10.30 3.36 20.42
CA LYS B 224 11.34 4.27 20.85
C LYS B 224 11.91 5.02 19.66
N ASN B 225 11.83 6.35 19.71
CA ASN B 225 12.35 7.25 18.67
C ASN B 225 11.61 7.11 17.35
N PHE B 226 10.38 6.63 17.37
CA PHE B 226 9.57 6.54 16.16
C PHE B 226 9.07 7.92 15.75
N THR B 227 8.85 8.10 14.45
CA THR B 227 8.14 9.27 13.97
C THR B 227 6.66 9.14 14.29
N GLU B 228 5.92 10.22 14.05
CA GLU B 228 4.47 10.16 14.21
C GLU B 228 3.85 9.16 13.23
N GLU B 229 4.32 9.18 11.98
CA GLU B 229 3.79 8.25 10.97
C GLU B 229 4.05 6.81 11.36
N GLU B 230 5.27 6.50 11.81
CA GLU B 230 5.59 5.14 12.25
C GLU B 230 4.68 4.72 13.40
N ASN B 231 4.53 5.58 14.41
CA ASN B 231 3.68 5.24 15.55
C ASN B 231 2.23 5.05 15.12
N HIS B 232 1.73 5.91 14.22
CA HIS B 232 0.35 5.78 13.79
C HIS B 232 0.13 4.50 12.98
N ASN B 233 1.07 4.18 12.08
CA ASN B 233 0.96 2.92 11.35
C ASN B 233 1.01 1.73 12.30
N LEU B 234 1.91 1.77 13.29
CA LEU B 234 1.95 0.70 14.27
C LEU B 234 0.61 0.57 15.00
N THR B 235 0.03 1.70 15.40
CA THR B 235 -1.25 1.68 16.10
C THR B 235 -2.36 1.09 15.23
N SER B 236 -2.47 1.59 13.98
CA SER B 236 -3.50 1.07 13.08
C SER B 236 -3.30 -0.42 12.85
N TYR B 237 -2.06 -0.85 12.65
CA TYR B 237 -1.77 -2.26 12.44
C TYR B 237 -2.13 -3.09 13.67
N ALA B 238 -1.76 -2.61 14.85
CA ALA B 238 -2.12 -3.33 16.08
C ALA B 238 -3.64 -3.47 16.19
N ARG B 239 -4.37 -2.40 15.92
CA ARG B 239 -5.83 -2.47 15.95
C ARG B 239 -6.36 -3.51 14.98
N LEU B 240 -5.83 -3.54 13.76
CA LEU B 240 -6.30 -4.51 12.78
C LEU B 240 -5.97 -5.94 13.19
N LEU B 241 -4.83 -6.16 13.84
CA LEU B 241 -4.51 -7.50 14.33
C LEU B 241 -5.52 -7.99 15.37
N SER B 242 -6.05 -7.08 16.19
CA SER B 242 -7.04 -7.48 17.18
C SER B 242 -8.27 -8.10 16.53
N PHE B 243 -8.68 -7.56 15.37
CA PHE B 243 -9.79 -8.15 14.63
C PHE B 243 -9.43 -9.53 14.11
N THR B 244 -8.25 -9.66 13.50
CA THR B 244 -7.82 -10.96 13.00
C THR B 244 -7.74 -11.98 14.12
N ASP B 245 -7.28 -11.56 15.29
CA ASP B 245 -7.16 -12.49 16.42
C ASP B 245 -8.51 -13.05 16.81
N LYS B 246 -9.51 -12.19 16.97
CA LYS B 246 -10.84 -12.65 17.36
C LYS B 246 -11.49 -13.48 16.25
N GLU B 247 -11.40 -13.02 15.01
CA GLU B 247 -12.03 -13.76 13.91
C GLU B 247 -11.35 -15.10 13.68
N THR B 248 -10.06 -15.22 13.99
CA THR B 248 -9.39 -16.50 13.83
C THR B 248 -9.89 -17.53 14.82
N ARG B 249 -10.10 -17.13 16.08
CA ARG B 249 -10.68 -18.03 17.06
C ARG B 249 -12.08 -18.45 16.62
N ALA B 250 -12.92 -17.48 16.27
CA ALA B 250 -14.26 -17.81 15.77
C ALA B 250 -14.19 -18.79 14.60
N PHE B 251 -13.26 -18.56 13.67
CA PHE B 251 -13.13 -19.44 12.51
C PHE B 251 -12.79 -20.87 12.94
N LEU B 252 -11.80 -21.03 13.82
CA LEU B 252 -11.41 -22.36 14.27
C LEU B 252 -12.52 -23.01 15.08
N GLU B 253 -13.23 -22.22 15.90
CA GLU B 253 -14.31 -22.79 16.70
C GLU B 253 -15.39 -23.41 15.82
N LYS B 254 -15.64 -22.86 14.63
CA LYS B 254 -16.62 -23.43 13.72
C LYS B 254 -16.09 -24.66 12.99
N LEU B 255 -14.77 -24.79 12.84
CA LEU B 255 -14.21 -26.00 12.26
C LEU B 255 -14.34 -27.19 13.20
N THR B 256 -14.43 -26.94 14.51
CA THR B 256 -14.62 -28.02 15.47
C THR B 256 -16.01 -28.66 15.33
N GLN B 257 -16.98 -27.90 14.83
CA GLN B 257 -18.34 -28.39 14.68
C GLN B 257 -18.58 -29.10 13.36
N ILE B 258 -17.59 -29.15 12.48
CA ILE B 258 -17.72 -29.82 11.19
C ILE B 258 -17.22 -31.25 11.36
N ASN B 259 -18.00 -32.22 10.86
CA ASN B 259 -17.64 -33.63 10.99
C ASN B 259 -16.76 -34.02 9.82
N LYS B 260 -15.48 -33.68 9.95
CA LYS B 260 -14.47 -33.98 8.95
C LYS B 260 -13.12 -33.64 9.54
N PRO B 261 -12.10 -34.50 9.40
CA PRO B 261 -10.77 -34.13 9.88
C PRO B 261 -10.20 -32.96 9.10
N ILE B 262 -10.15 -31.78 9.72
CA ILE B 262 -9.67 -30.56 9.09
C ILE B 262 -8.41 -30.10 9.83
N THR B 263 -7.38 -29.72 9.06
CA THR B 263 -6.15 -29.19 9.62
C THR B 263 -5.81 -27.88 8.91
N VAL B 264 -5.43 -26.87 9.70
CA VAL B 264 -5.15 -25.53 9.22
C VAL B 264 -3.68 -25.23 9.45
N VAL B 265 -2.99 -24.82 8.39
CA VAL B 265 -1.63 -24.29 8.48
C VAL B 265 -1.73 -22.77 8.36
N PHE B 266 -1.56 -22.08 9.47
CA PHE B 266 -1.73 -20.64 9.59
C PHE B 266 -0.36 -20.00 9.77
N TYR B 267 -0.09 -18.91 9.04
CA TYR B 267 1.21 -18.28 9.13
C TYR B 267 1.15 -16.87 8.56
N GLY B 268 2.02 -16.00 9.07
CA GLY B 268 2.26 -14.71 8.46
C GLY B 268 3.38 -14.82 7.44
N ASP B 269 3.20 -14.16 6.30
CA ASP B 269 4.19 -14.28 5.24
C ASP B 269 5.43 -13.43 5.53
N HIS B 270 5.24 -12.29 6.17
CA HIS B 270 6.35 -11.40 6.51
C HIS B 270 5.85 -10.39 7.53
N LEU B 271 6.79 -9.70 8.17
CA LEU B 271 6.43 -8.60 9.05
C LEU B 271 5.93 -7.41 8.23
N PRO B 272 5.05 -6.59 8.80
CA PRO B 272 4.69 -5.34 8.13
C PRO B 272 5.89 -4.41 8.02
N GLY B 273 5.93 -3.63 6.95
CA GLY B 273 7.09 -2.79 6.66
C GLY B 273 7.11 -1.47 7.39
N LEU B 274 6.42 -1.39 8.52
CA LEU B 274 6.24 -0.12 9.22
C LEU B 274 7.33 0.16 10.26
N TYR B 275 8.14 -0.84 10.62
CA TYR B 275 9.16 -0.62 11.64
C TYR B 275 10.45 -0.09 11.00
N PRO B 276 11.15 0.83 11.65
CA PRO B 276 12.55 1.10 11.26
C PRO B 276 13.46 0.01 11.82
N ASP B 277 14.66 -0.06 11.25
CA ASP B 277 15.62 -1.06 11.70
C ASP B 277 15.98 -0.88 13.18
N SER B 278 15.97 0.36 13.66
CA SER B 278 16.30 0.61 15.07
C SER B 278 15.31 -0.07 16.01
N ALA B 279 14.09 -0.35 15.55
CA ALA B 279 13.07 -0.92 16.42
C ALA B 279 13.43 -2.32 16.90
N PHE B 280 14.35 -3.00 16.22
CA PHE B 280 14.73 -4.35 16.61
C PHE B 280 15.93 -4.36 17.55
N ASN B 281 16.78 -3.34 17.47
CA ASN B 281 17.84 -3.12 18.47
C ASN B 281 18.77 -4.32 18.57
N LYS B 282 18.63 -5.12 19.63
CA LYS B 282 19.55 -6.23 19.85
C LYS B 282 19.17 -7.47 19.05
N HIS B 283 17.90 -7.64 18.72
CA HIS B 283 17.43 -8.85 18.03
C HIS B 283 17.01 -8.49 16.60
N ILE B 284 17.99 -8.17 15.77
CA ILE B 284 17.69 -7.84 14.38
C ILE B 284 17.11 -9.04 13.63
N GLU B 285 17.40 -10.25 14.09
CA GLU B 285 16.84 -11.44 13.45
C GLU B 285 15.31 -11.41 13.47
N ASN B 286 14.72 -10.74 14.45
CA ASN B 286 13.26 -10.67 14.57
C ASN B 286 12.62 -9.89 13.43
N LYS B 287 13.40 -9.26 12.56
CA LYS B 287 12.85 -8.61 11.38
C LYS B 287 12.27 -9.59 10.39
N TYR B 288 12.60 -10.89 10.50
CA TYR B 288 12.21 -11.88 9.51
C TYR B 288 11.57 -13.11 10.14
N LEU B 289 10.96 -12.94 11.33
CA LEU B 289 10.37 -14.06 12.06
C LEU B 289 8.88 -13.76 12.33
N THR B 290 8.00 -14.51 11.68
CA THR B 290 6.56 -14.41 11.83
C THR B 290 6.05 -15.57 12.67
N ASP B 291 4.74 -15.55 12.94
CA ASP B 291 4.08 -16.59 13.71
C ASP B 291 3.44 -17.62 12.78
N TYR B 292 3.41 -18.86 13.24
CA TYR B 292 2.71 -19.92 12.52
C TYR B 292 2.13 -20.91 13.52
N PHE B 293 1.09 -21.62 13.08
CA PHE B 293 0.64 -22.78 13.83
C PHE B 293 -0.01 -23.77 12.88
N ILE B 294 0.06 -25.04 13.27
CA ILE B 294 -0.58 -26.14 12.55
C ILE B 294 -1.60 -26.72 13.51
N TRP B 295 -2.87 -26.62 13.15
CA TRP B 295 -3.97 -26.86 14.07
C TRP B 295 -5.00 -27.76 13.41
N SER B 296 -5.41 -28.82 14.11
CA SER B 296 -6.47 -29.71 13.67
C SER B 296 -7.72 -29.49 14.51
N ASN B 297 -8.88 -29.81 13.94
CA ASN B 297 -10.15 -29.58 14.61
C ASN B 297 -10.46 -30.66 15.65
N GLY B 298 -9.78 -31.80 15.61
CA GLY B 298 -9.91 -32.81 16.64
C GLY B 298 -8.88 -32.63 17.73
N THR B 299 -8.22 -33.72 18.12
CA THR B 299 -7.14 -33.64 19.09
C THR B 299 -5.85 -33.23 18.40
N ASN B 300 -5.03 -32.47 19.13
CA ASN B 300 -3.81 -31.86 18.59
C ASN B 300 -2.60 -32.30 19.39
N GLU B 301 -1.67 -32.98 18.72
CA GLU B 301 -0.32 -33.11 19.24
C GLU B 301 0.34 -31.73 19.26
N LYS B 302 1.55 -31.67 19.81
CA LYS B 302 2.34 -30.44 19.78
C LYS B 302 3.79 -30.84 19.54
N LYS B 303 4.19 -30.90 18.28
CA LYS B 303 5.56 -31.22 17.92
C LYS B 303 6.45 -30.00 18.18
N ASN B 304 7.72 -30.29 18.48
CA ASN B 304 8.68 -29.24 18.83
C ASN B 304 9.31 -28.74 17.54
N HIS B 305 8.85 -27.57 17.09
CA HIS B 305 9.42 -26.91 15.91
C HIS B 305 9.35 -25.40 16.15
N PRO B 306 10.20 -24.88 17.05
CA PRO B 306 10.09 -23.45 17.40
C PRO B 306 10.49 -22.51 16.28
N LEU B 307 11.28 -22.97 15.30
CA LEU B 307 11.72 -22.11 14.20
C LEU B 307 11.85 -22.98 12.95
N ILE B 308 11.01 -22.72 11.94
CA ILE B 308 11.02 -23.47 10.69
C ILE B 308 10.87 -22.49 9.53
N ASN B 309 11.04 -23.02 8.33
CA ASN B 309 10.93 -22.25 7.09
C ASN B 309 9.54 -22.45 6.47
N SER B 310 9.15 -21.51 5.61
CA SER B 310 7.88 -21.65 4.89
C SER B 310 7.86 -22.93 4.08
N SER B 311 9.02 -23.35 3.58
CA SER B 311 9.12 -24.59 2.81
C SER B 311 8.96 -25.84 3.65
N ASP B 312 9.07 -25.73 4.98
CA ASP B 312 8.96 -26.88 5.86
C ASP B 312 7.52 -27.24 6.23
N PHE B 313 6.53 -26.45 5.83
CA PHE B 313 5.19 -26.62 6.38
C PHE B 313 4.59 -27.97 6.02
N THR B 314 4.78 -28.43 4.78
CA THR B 314 4.14 -29.68 4.38
C THR B 314 4.71 -30.87 5.14
N ALA B 315 6.04 -30.93 5.29
CA ALA B 315 6.63 -31.99 6.09
C ALA B 315 6.11 -31.95 7.53
N ALA B 316 5.99 -30.75 8.10
CA ALA B 316 5.46 -30.60 9.46
C ALA B 316 3.99 -31.00 9.51
N LEU B 317 3.23 -30.70 8.45
CA LEU B 317 1.83 -31.11 8.37
C LEU B 317 1.70 -32.62 8.43
N PHE B 318 2.50 -33.33 7.63
CA PHE B 318 2.45 -34.79 7.65
C PHE B 318 2.77 -35.33 9.04
N GLU B 319 3.78 -34.76 9.70
CA GLU B 319 4.14 -35.23 11.04
C GLU B 319 3.03 -34.95 12.03
N HIS B 320 2.54 -33.70 12.06
CA HIS B 320 1.50 -33.33 13.02
C HIS B 320 0.27 -34.21 12.87
N THR B 321 -0.15 -34.50 11.64
CA THR B 321 -1.30 -35.35 11.38
C THR B 321 -0.94 -36.83 11.32
N ASP B 322 0.33 -37.18 11.57
CA ASP B 322 0.77 -38.57 11.58
C ASP B 322 0.41 -39.28 10.28
N SER B 323 0.57 -38.59 9.17
CA SER B 323 0.25 -39.13 7.86
C SER B 323 1.47 -39.78 7.22
N LYS B 324 1.23 -40.83 6.44
CA LYS B 324 2.30 -41.49 5.73
C LYS B 324 2.88 -40.57 4.65
N VAL B 325 4.16 -40.75 4.37
CA VAL B 325 4.90 -39.84 3.50
C VAL B 325 5.33 -40.56 2.23
N SER B 326 5.65 -39.78 1.23
CA SER B 326 6.36 -40.24 0.06
C SER B 326 7.86 -40.11 0.29
N PRO B 327 8.68 -40.75 -0.54
CA PRO B 327 10.13 -40.52 -0.44
C PRO B 327 10.49 -39.05 -0.50
N TYR B 328 9.80 -38.28 -1.34
CA TYR B 328 10.02 -36.85 -1.42
C TYR B 328 9.83 -36.18 -0.07
N TYR B 329 8.68 -36.43 0.58
CA TYR B 329 8.41 -35.83 1.87
C TYR B 329 9.20 -36.47 3.01
N ALA B 330 9.82 -37.63 2.78
CA ALA B 330 10.77 -38.17 3.75
C ALA B 330 12.06 -37.36 3.75
N LEU B 331 12.55 -37.01 2.55
CA LEU B 331 13.65 -36.07 2.46
C LEU B 331 13.29 -34.74 3.13
N LEU B 332 12.09 -34.23 2.86
CA LEU B 332 11.70 -32.95 3.41
C LEU B 332 11.52 -33.02 4.93
N THR B 333 11.22 -34.21 5.47
CA THR B 333 11.16 -34.36 6.92
C THR B 333 12.57 -34.36 7.52
N GLU B 334 13.50 -35.01 6.85
CA GLU B 334 14.90 -34.92 7.22
C GLU B 334 15.38 -33.46 7.23
N VAL B 335 14.92 -32.67 6.26
CA VAL B 335 15.29 -31.26 6.20
C VAL B 335 14.67 -30.51 7.36
N LEU B 336 13.39 -30.76 7.63
CA LEU B 336 12.72 -30.07 8.73
C LEU B 336 13.43 -30.31 10.05
N ASN B 337 13.84 -31.54 10.33
CA ASN B 337 14.38 -31.91 11.62
C ASN B 337 15.87 -31.65 11.76
N LYS B 338 16.63 -31.73 10.65
CA LYS B 338 18.09 -31.78 10.73
C LYS B 338 18.84 -30.73 9.92
N ALA B 339 18.19 -30.00 9.00
CA ALA B 339 18.96 -29.19 8.08
C ALA B 339 18.17 -27.97 7.60
N SER B 340 17.37 -27.38 8.48
CA SER B 340 16.55 -26.23 8.12
C SER B 340 17.13 -24.95 8.75
N VAL B 341 16.32 -23.88 8.74
CA VAL B 341 16.80 -22.55 9.07
C VAL B 341 17.05 -22.35 10.56
N ASP B 342 16.72 -23.34 11.39
CA ASP B 342 17.03 -23.26 12.81
C ASP B 342 18.44 -23.72 13.14
N LYS B 343 19.14 -24.30 12.18
CA LYS B 343 20.46 -24.85 12.42
C LYS B 343 21.47 -24.18 11.50
N SER B 344 22.72 -24.18 11.95
CA SER B 344 23.79 -23.69 11.11
C SER B 344 23.86 -24.51 9.83
N PRO B 345 24.24 -23.88 8.71
CA PRO B 345 24.42 -24.64 7.47
C PRO B 345 25.79 -25.28 7.33
N ASP B 346 26.67 -25.15 8.33
CA ASP B 346 28.07 -25.48 8.11
C ASP B 346 28.46 -26.90 8.52
N SER B 347 27.65 -27.60 9.30
CA SER B 347 28.06 -28.93 9.72
C SER B 347 28.00 -29.90 8.55
N PRO B 348 28.90 -30.89 8.49
CA PRO B 348 28.83 -31.87 7.38
C PRO B 348 27.47 -32.53 7.23
N GLU B 349 26.79 -32.85 8.33
CA GLU B 349 25.49 -33.51 8.23
C GLU B 349 24.49 -32.63 7.50
N VAL B 350 24.42 -31.35 7.86
CA VAL B 350 23.49 -30.43 7.20
C VAL B 350 23.85 -30.31 5.72
N LYS B 351 25.14 -30.16 5.41
CA LYS B 351 25.56 -30.04 4.01
C LYS B 351 25.16 -31.26 3.20
N ALA B 352 25.28 -32.45 3.79
CA ALA B 352 24.92 -33.68 3.08
C ALA B 352 23.42 -33.73 2.81
N ILE B 353 22.60 -33.39 3.80
CA ILE B 353 21.15 -33.40 3.59
C ILE B 353 20.75 -32.31 2.60
N GLN B 354 21.38 -31.14 2.69
CA GLN B 354 21.07 -30.07 1.75
C GLN B 354 21.53 -30.40 0.34
N ASN B 355 22.63 -31.15 0.19
CA ASN B 355 23.02 -31.58 -1.15
C ASN B 355 21.96 -32.49 -1.76
N ASP B 356 21.40 -33.40 -0.96
CA ASP B 356 20.29 -34.21 -1.44
C ASP B 356 19.14 -33.33 -1.92
N LEU B 357 18.78 -32.32 -1.12
CA LEU B 357 17.67 -31.45 -1.48
C LEU B 357 17.97 -30.62 -2.72
N LYS B 358 19.19 -30.07 -2.81
CA LYS B 358 19.54 -29.23 -3.94
C LYS B 358 19.49 -30.01 -5.26
N ASN B 359 19.94 -31.26 -5.24
CA ASN B 359 19.88 -32.09 -6.45
C ASN B 359 18.45 -32.38 -6.87
N ILE B 360 17.58 -32.69 -5.90
CA ILE B 360 16.16 -32.88 -6.21
C ILE B 360 15.57 -31.56 -6.70
N GLN B 361 15.89 -30.47 -5.98
CA GLN B 361 15.34 -29.17 -6.32
C GLN B 361 15.76 -28.73 -7.72
N TYR B 362 17.02 -28.95 -8.08
CA TYR B 362 17.48 -28.63 -9.42
C TYR B 362 16.81 -29.53 -10.45
N ASP B 363 16.67 -30.82 -10.14
CA ASP B 363 16.15 -31.78 -11.11
C ASP B 363 14.73 -31.43 -11.54
N VAL B 364 13.89 -30.99 -10.60
CA VAL B 364 12.48 -30.77 -10.89
C VAL B 364 12.19 -29.34 -11.33
N THR B 365 13.21 -28.49 -11.48
CA THR B 365 13.00 -27.13 -11.93
C THR B 365 13.69 -26.92 -13.28
N ILE B 366 14.97 -26.58 -13.28
CA ILE B 366 15.70 -26.28 -14.51
C ILE B 366 16.68 -27.39 -14.88
N GLY B 367 16.58 -28.53 -14.23
CA GLY B 367 17.46 -29.65 -14.50
C GLY B 367 16.93 -30.57 -15.58
N LYS B 368 17.47 -31.78 -15.61
CA LYS B 368 17.14 -32.76 -16.62
C LYS B 368 15.90 -33.58 -16.30
N GLY B 369 15.36 -33.48 -15.09
CA GLY B 369 14.19 -34.24 -14.72
C GLY B 369 14.42 -35.74 -14.67
N TYR B 370 15.55 -36.18 -14.11
CA TYR B 370 15.79 -37.61 -13.98
C TYR B 370 14.76 -38.30 -13.11
N LEU B 371 14.04 -37.55 -12.26
CA LEU B 371 13.07 -38.15 -11.36
C LEU B 371 11.83 -38.66 -12.10
N LEU B 372 11.61 -38.25 -13.35
CA LEU B 372 10.50 -38.79 -14.12
C LEU B 372 10.58 -40.30 -14.21
N LYS B 373 11.79 -40.86 -14.13
CA LYS B 373 12.01 -42.30 -14.21
C LYS B 373 11.83 -43.02 -12.88
N HIS B 374 11.78 -42.29 -11.77
CA HIS B 374 11.56 -42.88 -10.44
C HIS B 374 10.12 -42.64 -10.05
N LYS B 375 9.23 -43.53 -10.51
CA LYS B 375 7.80 -43.29 -10.45
C LYS B 375 7.27 -43.19 -9.02
N THR B 376 7.89 -43.89 -8.08
CA THR B 376 7.37 -43.94 -6.71
C THR B 376 7.96 -42.86 -5.81
N PHE B 377 8.80 -41.96 -6.34
CA PHE B 377 9.46 -40.98 -5.48
C PHE B 377 8.47 -39.98 -4.90
N PHE B 378 7.40 -39.66 -5.62
CA PHE B 378 6.40 -38.71 -5.14
C PHE B 378 5.11 -39.38 -4.69
N LYS B 379 5.04 -40.71 -4.73
CA LYS B 379 3.87 -41.46 -4.31
C LYS B 379 3.99 -41.86 -2.84
N ILE B 380 2.83 -42.04 -2.23
CA ILE B 380 2.75 -42.49 -0.83
C ILE B 380 2.66 -44.02 -0.81
#